data_2W6Z
#
_entry.id   2W6Z
#
_cell.length_a   84.482
_cell.length_b   106.895
_cell.length_c   122.413
_cell.angle_alpha   90.00
_cell.angle_beta   90.00
_cell.angle_gamma   90.00
#
_symmetry.space_group_name_H-M   'P 21 21 21'
#
loop_
_entity.id
_entity.type
_entity.pdbx_description
1 polymer 'BIOTIN CARBOXYLASE'
2 non-polymer 3-(3-methylbut-2-en-1-yl)-3H-purin-6-amine
3 non-polymer 'CHLORIDE ION'
4 water water
#
_entity_poly.entity_id   1
_entity_poly.type   'polypeptide(L)'
_entity_poly.pdbx_seq_one_letter_code
;MLDKIVIANRGEIALRILRACKELGIKTVAVHSSADRDLKHVLLADETVCIGPAPSVKSYLNIPAIISAAEITGAVAIHP
GYGFLSENANFAEQVERSGFIFIGPKAETIRLMGDKVSAIAAMKKAGVPCVPGSDGPLGDDMDKNRAIAKRIGYPVIIKA
SGGGGGRGMRVVRGDAELAQSISMTRAEAKAAFSNDMVYMEKYLENPRHVEIQVLADGQGNAIYLAERDCSMQRRHQKVV
EEAPAPGITPELRRYIGERCAKACVDIGYRGAGTFEFLFENGEFYFIEMNTRIQVEHPVTEMITGVDLIKEQLRIAAGQP
LSIKQEEVHVRGHAVECRINAEDPNTFLPSPGKITRFHAPGGFGVRWESHIYAGYTVPPYYDSMIGKLICYGENRDVAIA
RMKNALQELIIDGIKTNVDLQIRIMNDENFQHGGTNIHYLEKKLGLQEK
;
_entity_poly.pdbx_strand_id   A,B
#
# COMPACT_ATOMS: atom_id res chain seq x y z
N MET A 1 12.13 -3.78 24.11
CA MET A 1 11.27 -2.73 23.47
C MET A 1 10.71 -1.76 24.51
N LEU A 2 10.50 -0.51 24.10
CA LEU A 2 10.09 0.55 25.01
C LEU A 2 8.66 0.26 25.48
N ASP A 3 8.41 0.38 26.79
CA ASP A 3 7.10 0.03 27.34
C ASP A 3 6.01 1.00 26.89
N LYS A 4 6.32 2.29 26.92
CA LYS A 4 5.33 3.35 26.75
C LYS A 4 6.02 4.63 26.32
N ILE A 5 5.49 5.30 25.30
CA ILE A 5 6.09 6.56 24.85
C ILE A 5 5.07 7.67 24.71
N VAL A 6 5.56 8.90 24.87
CA VAL A 6 4.80 10.10 24.58
C VAL A 6 5.06 10.48 23.12
N ILE A 7 3.97 10.66 22.38
CA ILE A 7 4.02 11.15 21.01
C ILE A 7 3.90 12.68 21.10
N ALA A 8 5.03 13.38 21.00
CA ALA A 8 5.06 14.83 21.22
C ALA A 8 4.86 15.56 19.91
N ASN A 9 3.69 15.34 19.34
CA ASN A 9 3.35 15.93 18.05
C ASN A 9 1.85 15.78 17.79
N ARG A 10 1.43 16.01 16.54
CA ARG A 10 0.02 16.08 16.19
C ARG A 10 -0.18 15.67 14.73
N GLY A 11 -1.42 15.70 14.27
CA GLY A 11 -1.71 15.53 12.86
C GLY A 11 -1.25 14.20 12.29
N GLU A 12 -0.81 14.23 11.03
CA GLU A 12 -0.54 12.98 10.33
C GLU A 12 0.62 12.23 10.94
N ILE A 13 1.65 12.95 11.37
CA ILE A 13 2.86 12.31 11.88
C ILE A 13 2.62 11.64 13.23
N ALA A 14 1.75 12.22 14.06
CA ALA A 14 1.39 11.61 15.33
C ALA A 14 0.69 10.28 15.07
N LEU A 15 -0.23 10.26 14.11
CA LEU A 15 -0.90 9.02 13.67
C LEU A 15 0.08 7.98 13.13
N ARG A 16 1.02 8.42 12.30
CA ARG A 16 2.09 7.58 11.77
C ARG A 16 2.87 6.90 12.89
N ILE A 17 3.27 7.67 13.89
CA ILE A 17 4.02 7.14 15.02
C ILE A 17 3.16 6.18 15.86
N LEU A 18 1.89 6.54 16.08
CA LEU A 18 0.99 5.67 16.86
C LEU A 18 0.87 4.27 16.24
N ARG A 19 0.71 4.21 14.92
CA ARG A 19 0.63 2.92 14.22
C ARG A 19 1.90 2.09 14.39
N ALA A 20 3.06 2.73 14.28
CA ALA A 20 4.33 2.03 14.48
C ALA A 20 4.43 1.46 15.89
N CYS A 21 4.04 2.26 16.88
CA CYS A 21 4.03 1.84 18.27
C CYS A 21 3.13 0.64 18.47
N LYS A 22 1.91 0.71 17.93
CA LYS A 22 0.97 -0.39 18.05
C LYS A 22 1.51 -1.68 17.43
N GLU A 23 2.15 -1.58 16.27
CA GLU A 23 2.81 -2.74 15.65
C GLU A 23 3.88 -3.38 16.53
N LEU A 24 4.57 -2.57 17.32
CA LEU A 24 5.62 -3.04 18.20
C LEU A 24 5.11 -3.34 19.62
N GLY A 25 3.83 -3.08 19.87
CA GLY A 25 3.24 -3.33 21.19
C GLY A 25 3.64 -2.31 22.24
N ILE A 26 4.05 -1.13 21.79
CA ILE A 26 4.43 -0.02 22.65
C ILE A 26 3.17 0.77 23.03
N LYS A 27 3.00 1.03 24.34
CA LYS A 27 1.85 1.81 24.82
C LYS A 27 2.02 3.26 24.40
N THR A 28 0.92 3.91 24.03
CA THR A 28 0.97 5.28 23.53
C THR A 28 0.36 6.29 24.50
N VAL A 29 1.04 7.43 24.65
CA VAL A 29 0.52 8.60 25.36
C VAL A 29 0.45 9.75 24.37
N ALA A 30 -0.77 10.21 24.12
CA ALA A 30 -1.01 11.29 23.19
C ALA A 30 -1.17 12.58 23.96
N VAL A 31 -0.14 13.41 23.91
CA VAL A 31 -0.23 14.76 24.45
C VAL A 31 -0.81 15.66 23.35
N HIS A 32 -1.71 16.54 23.74
CA HIS A 32 -2.42 17.33 22.76
C HIS A 32 -2.90 18.66 23.34
N SER A 33 -3.12 19.63 22.47
CA SER A 33 -3.70 20.90 22.84
C SER A 33 -5.21 20.75 23.00
N SER A 34 -5.83 21.78 23.56
CA SER A 34 -7.27 21.78 23.74
C SER A 34 -8.00 21.82 22.40
N ALA A 35 -7.35 22.34 21.35
CA ALA A 35 -7.94 22.35 20.02
C ALA A 35 -7.88 21.00 19.30
N ASP A 36 -7.10 20.06 19.84
CA ASP A 36 -6.82 18.78 19.18
C ASP A 36 -7.38 17.55 19.91
N ARG A 37 -8.45 17.74 20.68
CA ARG A 37 -9.04 16.64 21.44
C ARG A 37 -9.59 15.53 20.53
N ASP A 38 -10.02 15.90 19.34
CA ASP A 38 -10.66 14.98 18.39
C ASP A 38 -9.74 14.56 17.24
N LEU A 39 -8.42 14.72 17.41
CA LEU A 39 -7.46 14.17 16.45
C LEU A 39 -7.59 12.65 16.42
N LYS A 40 -7.52 12.06 15.24
CA LYS A 40 -7.62 10.60 15.09
C LYS A 40 -6.67 9.84 16.01
N HIS A 41 -5.41 10.24 16.07
CA HIS A 41 -4.45 9.50 16.91
C HIS A 41 -4.75 9.65 18.41
N VAL A 42 -5.30 10.79 18.82
CA VAL A 42 -5.69 11.01 20.23
C VAL A 42 -6.80 10.03 20.61
N LEU A 43 -7.77 9.89 19.70
CA LEU A 43 -8.89 8.99 19.89
C LEU A 43 -8.46 7.51 19.92
N LEU A 44 -7.35 7.20 19.26
CA LEU A 44 -6.84 5.83 19.20
C LEU A 44 -5.78 5.53 20.27
N ALA A 45 -5.30 6.54 20.98
CA ALA A 45 -4.18 6.37 21.91
C ALA A 45 -4.61 5.67 23.19
N ASP A 46 -3.65 5.01 23.85
CA ASP A 46 -3.93 4.26 25.07
C ASP A 46 -4.23 5.20 26.22
N GLU A 47 -3.45 6.27 26.32
CA GLU A 47 -3.66 7.35 27.29
C GLU A 47 -3.52 8.70 26.61
N THR A 48 -4.23 9.70 27.13
CA THR A 48 -4.18 11.06 26.60
C THR A 48 -3.95 12.06 27.72
N VAL A 49 -3.21 13.13 27.41
CA VAL A 49 -2.99 14.23 28.33
C VAL A 49 -3.13 15.55 27.56
N CYS A 50 -4.06 16.39 28.00
CA CYS A 50 -4.18 17.72 27.41
C CYS A 50 -3.08 18.57 28.05
N ILE A 51 -2.16 19.05 27.23
CA ILE A 51 -0.97 19.74 27.72
C ILE A 51 -1.09 21.26 27.70
N GLY A 52 -2.18 21.78 27.16
CA GLY A 52 -2.39 23.22 27.18
C GLY A 52 -3.34 23.72 26.11
N PRO A 53 -3.54 25.05 26.05
CA PRO A 53 -4.42 25.65 25.06
C PRO A 53 -3.88 25.55 23.62
N ALA A 54 -4.68 26.02 22.67
CA ALA A 54 -4.41 25.81 21.24
C ALA A 54 -3.04 26.30 20.74
N PRO A 55 -2.64 27.54 21.11
CA PRO A 55 -1.38 28.07 20.58
C PRO A 55 -0.18 27.18 20.92
N SER A 56 0.67 26.91 19.92
CA SER A 56 1.76 25.94 20.08
C SER A 56 2.70 26.30 21.24
N VAL A 57 2.95 27.59 21.47
CA VAL A 57 3.82 28.00 22.57
C VAL A 57 3.37 27.43 23.93
N LYS A 58 2.07 27.22 24.10
CA LYS A 58 1.52 26.75 25.37
C LYS A 58 1.18 25.23 25.34
N SER A 59 1.39 24.60 24.18
CA SER A 59 1.13 23.16 24.03
C SER A 59 2.35 22.43 23.43
N TYR A 60 2.43 22.36 22.11
CA TYR A 60 3.44 21.51 21.45
C TYR A 60 4.89 22.02 21.54
N LEU A 61 5.06 23.27 21.96
CA LEU A 61 6.39 23.80 22.28
C LEU A 61 6.63 23.92 23.80
N ASN A 62 5.64 23.50 24.59
CA ASN A 62 5.66 23.65 26.05
C ASN A 62 6.45 22.52 26.67
N ILE A 63 7.75 22.74 26.81
CA ILE A 63 8.70 21.72 27.26
C ILE A 63 8.32 21.13 28.63
N PRO A 64 8.10 22.00 29.65
CA PRO A 64 7.69 21.49 30.96
C PRO A 64 6.44 20.63 30.94
N ALA A 65 5.43 21.06 30.18
CA ALA A 65 4.16 20.33 30.07
C ALA A 65 4.33 18.95 29.46
N ILE A 66 5.22 18.83 28.48
CA ILE A 66 5.45 17.56 27.80
C ILE A 66 6.22 16.59 28.68
N ILE A 67 7.24 17.10 29.37
CA ILE A 67 8.01 16.27 30.31
C ILE A 67 7.12 15.83 31.49
N SER A 68 6.26 16.73 31.97
CA SER A 68 5.31 16.38 33.02
C SER A 68 4.37 15.27 32.60
N ALA A 69 3.87 15.34 31.37
CA ALA A 69 3.01 14.29 30.81
C ALA A 69 3.72 12.93 30.80
N ALA A 70 4.98 12.93 30.38
CA ALA A 70 5.79 11.71 30.40
C ALA A 70 5.97 11.17 31.83
N GLU A 71 6.25 12.06 32.77
CA GLU A 71 6.39 11.68 34.19
C GLU A 71 5.11 11.09 34.77
N ILE A 72 3.98 11.76 34.54
CA ILE A 72 2.73 11.38 35.16
C ILE A 72 2.16 10.05 34.64
N THR A 73 2.45 9.72 33.39
CA THR A 73 1.95 8.49 32.77
C THR A 73 2.91 7.31 32.90
N GLY A 74 4.09 7.55 33.43
CA GLY A 74 5.12 6.53 33.53
C GLY A 74 5.65 6.14 32.16
N ALA A 75 5.67 7.09 31.23
CA ALA A 75 6.26 6.86 29.91
C ALA A 75 7.78 6.75 30.06
N VAL A 76 8.45 6.13 29.09
CA VAL A 76 9.90 5.95 29.17
C VAL A 76 10.69 6.70 28.09
N ALA A 77 9.97 7.23 27.09
CA ALA A 77 10.60 7.87 25.93
C ALA A 77 9.64 8.88 25.31
N ILE A 78 10.20 9.80 24.53
CA ILE A 78 9.42 10.83 23.84
C ILE A 78 9.84 10.85 22.37
N HIS A 79 8.87 10.72 21.47
CA HIS A 79 9.11 10.87 20.02
C HIS A 79 8.65 12.26 19.61
N PRO A 80 9.57 13.11 19.10
CA PRO A 80 9.21 14.47 18.76
C PRO A 80 8.65 14.66 17.36
N GLY A 81 8.59 13.60 16.55
CA GLY A 81 8.14 13.72 15.17
C GLY A 81 9.03 14.66 14.37
N TYR A 82 8.40 15.52 13.57
CA TYR A 82 9.10 16.60 12.85
C TYR A 82 8.49 17.95 13.20
N GLY A 83 9.18 19.04 12.85
CA GLY A 83 8.81 20.36 13.31
C GLY A 83 8.85 20.45 14.83
N PHE A 84 8.08 21.38 15.38
CA PHE A 84 8.00 21.65 16.82
C PHE A 84 9.35 21.60 17.52
N LEU A 85 9.59 20.59 18.36
CA LEU A 85 10.79 20.55 19.18
C LEU A 85 11.81 19.51 18.69
N SER A 86 11.58 18.96 17.51
CA SER A 86 12.38 17.82 17.03
C SER A 86 13.85 18.16 16.78
N GLU A 87 14.14 19.42 16.48
CA GLU A 87 15.53 19.89 16.29
C GLU A 87 15.96 20.84 17.40
N ASN A 88 15.27 20.78 18.54
CA ASN A 88 15.57 21.62 19.67
C ASN A 88 16.52 20.87 20.61
N ALA A 89 17.80 21.24 20.57
CA ALA A 89 18.84 20.54 21.33
C ALA A 89 18.61 20.68 22.84
N ASN A 90 18.17 21.86 23.26
CA ASN A 90 17.85 22.10 24.66
C ASN A 90 16.74 21.18 25.15
N PHE A 91 15.72 20.96 24.33
CA PHE A 91 14.64 20.02 24.65
C PHE A 91 15.16 18.58 24.82
N ALA A 92 15.96 18.12 23.86
CA ALA A 92 16.55 16.77 23.91
C ALA A 92 17.38 16.58 25.16
N GLU A 93 18.16 17.61 25.49
CA GLU A 93 19.04 17.59 26.64
C GLU A 93 18.21 17.48 27.93
N GLN A 94 17.13 18.25 28.02
CA GLN A 94 16.24 18.21 29.19
C GLN A 94 15.50 16.88 29.32
N VAL A 95 15.10 16.30 28.20
CA VAL A 95 14.44 14.99 28.19
C VAL A 95 15.34 13.92 28.80
N GLU A 96 16.57 13.83 28.30
CA GLU A 96 17.53 12.84 28.81
C GLU A 96 17.98 13.15 30.25
N ARG A 97 18.15 14.44 30.57
CA ARG A 97 18.45 14.89 31.95
C ARG A 97 17.33 14.48 32.92
N SER A 98 16.09 14.52 32.44
CA SER A 98 14.93 14.14 33.24
C SER A 98 14.74 12.62 33.33
N GLY A 99 15.52 11.88 32.55
CA GLY A 99 15.60 10.42 32.68
C GLY A 99 14.84 9.66 31.61
N PHE A 100 14.32 10.38 30.62
CA PHE A 100 13.57 9.78 29.53
C PHE A 100 14.44 9.66 28.28
N ILE A 101 14.08 8.70 27.43
CA ILE A 101 14.77 8.49 26.17
C ILE A 101 14.20 9.47 25.15
N PHE A 102 15.09 10.23 24.50
CA PHE A 102 14.72 11.07 23.36
C PHE A 102 14.90 10.25 22.07
N ILE A 103 13.81 10.08 21.33
CA ILE A 103 13.86 9.28 20.12
C ILE A 103 14.44 10.17 19.01
N GLY A 104 15.76 10.16 18.93
CA GLY A 104 16.53 10.99 18.02
C GLY A 104 18.01 10.87 18.37
N PRO A 105 18.87 11.79 17.86
CA PRO A 105 20.30 11.72 18.18
C PRO A 105 20.61 12.26 19.57
N LYS A 106 21.88 12.23 19.95
CA LYS A 106 22.31 12.91 21.16
C LYS A 106 22.14 14.41 20.94
N ALA A 107 21.82 15.12 22.02
CA ALA A 107 21.62 16.58 21.96
C ALA A 107 22.83 17.28 21.35
N GLU A 108 24.04 16.84 21.70
CA GLU A 108 25.27 17.38 21.13
C GLU A 108 25.30 17.30 19.61
N THR A 109 24.76 16.20 19.08
CA THR A 109 24.70 15.99 17.63
C THR A 109 23.66 16.92 16.98
N ILE A 110 22.52 17.10 17.63
CA ILE A 110 21.51 18.06 17.17
C ILE A 110 22.11 19.46 17.08
N ARG A 111 22.86 19.82 18.12
CA ARG A 111 23.48 21.13 18.21
C ARG A 111 24.53 21.31 17.11
N LEU A 112 25.35 20.29 16.90
CA LEU A 112 26.39 20.32 15.88
C LEU A 112 25.82 20.54 14.48
N MET A 113 24.76 19.81 14.16
CA MET A 113 24.16 19.91 12.83
C MET A 113 23.12 21.05 12.70
N GLY A 114 22.74 21.65 13.82
CA GLY A 114 21.86 22.83 13.83
C GLY A 114 22.58 24.17 13.64
N ASP A 115 23.91 24.11 13.62
CA ASP A 115 24.79 25.25 13.36
C ASP A 115 25.42 24.97 12.00
N LYS A 116 24.97 25.68 10.97
CA LYS A 116 25.37 25.35 9.61
C LYS A 116 26.88 25.43 9.36
N VAL A 117 27.55 26.40 9.98
CA VAL A 117 29.01 26.54 9.86
C VAL A 117 29.72 25.30 10.42
N SER A 118 29.34 24.94 11.65
CA SER A 118 29.91 23.80 12.34
C SER A 118 29.55 22.48 11.64
N ALA A 119 28.34 22.40 11.10
CA ALA A 119 27.89 21.23 10.35
C ALA A 119 28.71 21.03 9.06
N ILE A 120 28.89 22.10 8.29
CA ILE A 120 29.69 22.04 7.08
C ILE A 120 31.13 21.61 7.37
N ALA A 121 31.76 22.21 8.38
CA ALA A 121 33.13 21.84 8.76
C ALA A 121 33.26 20.34 9.05
N ALA A 122 32.27 19.81 9.78
CA ALA A 122 32.23 18.40 10.13
C ALA A 122 32.02 17.49 8.91
N MET A 123 31.16 17.92 7.99
CA MET A 123 30.91 17.16 6.76
C MET A 123 32.16 17.17 5.88
N LYS A 124 32.80 18.32 5.77
CA LYS A 124 34.01 18.49 4.97
C LYS A 124 35.12 17.58 5.50
N LYS A 125 35.27 17.57 6.82
CA LYS A 125 36.25 16.72 7.50
C LYS A 125 35.98 15.23 7.25
N ALA A 126 34.71 14.86 7.24
CA ALA A 126 34.32 13.47 7.04
C ALA A 126 34.39 13.00 5.58
N GLY A 127 34.57 13.93 4.64
CA GLY A 127 34.65 13.59 3.21
C GLY A 127 33.37 13.70 2.40
N VAL A 128 32.36 14.37 2.98
CA VAL A 128 31.13 14.67 2.26
C VAL A 128 31.36 15.96 1.45
N PRO A 129 31.00 15.94 0.15
CA PRO A 129 31.21 17.12 -0.69
C PRO A 129 30.29 18.26 -0.29
N CYS A 130 30.86 19.46 -0.16
CA CYS A 130 30.12 20.64 0.24
C CYS A 130 30.21 21.72 -0.84
N VAL A 131 29.41 22.77 -0.68
CA VAL A 131 29.47 23.92 -1.57
C VAL A 131 30.75 24.71 -1.25
N PRO A 132 31.53 25.09 -2.28
CA PRO A 132 32.64 26.01 -2.00
C PRO A 132 32.15 27.27 -1.28
N GLY A 133 32.82 27.64 -0.20
CA GLY A 133 32.40 28.79 0.58
C GLY A 133 33.48 29.32 1.51
N SER A 134 33.05 30.15 2.45
CA SER A 134 33.96 30.82 3.37
C SER A 134 34.62 29.89 4.38
N ASP A 135 34.00 28.72 4.61
CA ASP A 135 34.50 27.76 5.60
C ASP A 135 34.82 28.48 6.91
N GLY A 136 33.81 29.15 7.43
CA GLY A 136 33.97 30.00 8.60
C GLY A 136 33.02 31.16 8.51
N PRO A 137 32.73 31.81 9.65
CA PRO A 137 31.83 32.94 9.67
C PRO A 137 32.49 34.19 9.11
N LEU A 138 31.68 35.07 8.51
CA LEU A 138 32.17 36.36 8.02
C LEU A 138 32.28 37.37 9.16
N GLY A 139 33.35 38.16 9.14
CA GLY A 139 33.49 39.27 10.06
C GLY A 139 32.99 40.56 9.42
N ASP A 140 33.43 41.68 9.98
CA ASP A 140 32.96 43.00 9.58
C ASP A 140 33.94 43.69 8.63
N ASP A 141 35.02 43.01 8.28
CA ASP A 141 36.04 43.57 7.39
C ASP A 141 35.62 43.31 5.94
N MET A 142 35.11 44.35 5.29
CA MET A 142 34.60 44.24 3.94
C MET A 142 35.71 44.02 2.90
N ASP A 143 36.94 44.40 3.21
CA ASP A 143 38.07 44.06 2.36
C ASP A 143 38.23 42.53 2.33
N LYS A 144 38.15 41.92 3.51
CA LYS A 144 38.24 40.47 3.63
C LYS A 144 37.04 39.78 2.98
N ASN A 145 35.84 40.35 3.14
CA ASN A 145 34.64 39.73 2.57
C ASN A 145 34.61 39.79 1.04
N ARG A 146 35.09 40.89 0.46
CA ARG A 146 35.25 40.97 -1.01
C ARG A 146 36.26 39.95 -1.52
N ALA A 147 37.32 39.71 -0.75
CA ALA A 147 38.35 38.74 -1.12
C ALA A 147 37.80 37.32 -1.10
N ILE A 148 36.95 37.03 -0.11
CA ILE A 148 36.32 35.71 -0.05
C ILE A 148 35.40 35.55 -1.24
N ALA A 149 34.61 36.59 -1.55
CA ALA A 149 33.72 36.56 -2.72
C ALA A 149 34.50 36.35 -4.02
N LYS A 150 35.65 36.99 -4.13
CA LYS A 150 36.50 36.85 -5.32
C LYS A 150 37.02 35.42 -5.44
N ARG A 151 37.51 34.86 -4.34
CA ARG A 151 38.04 33.50 -4.32
C ARG A 151 36.97 32.47 -4.69
N ILE A 152 35.79 32.57 -4.09
CA ILE A 152 34.66 31.71 -4.46
C ILE A 152 34.20 31.98 -5.90
N GLY A 153 34.06 33.26 -6.23
CA GLY A 153 33.60 33.68 -7.56
C GLY A 153 32.12 33.96 -7.54
N TYR A 154 31.74 35.17 -7.93
CA TYR A 154 30.34 35.55 -8.03
C TYR A 154 29.64 34.67 -9.07
N PRO A 155 28.36 34.36 -8.87
CA PRO A 155 27.47 34.75 -7.78
C PRO A 155 27.70 33.96 -6.50
N VAL A 156 27.49 34.62 -5.36
CA VAL A 156 27.59 33.98 -4.05
C VAL A 156 26.28 34.16 -3.32
N ILE A 157 26.13 33.48 -2.19
CA ILE A 157 24.92 33.62 -1.37
C ILE A 157 25.31 33.76 0.10
N ILE A 158 24.68 34.71 0.79
CA ILE A 158 24.93 34.94 2.22
C ILE A 158 23.87 34.18 3.01
N LYS A 159 24.31 33.38 3.99
CA LYS A 159 23.43 32.47 4.70
C LYS A 159 23.67 32.61 6.21
N ALA A 160 22.58 32.58 6.97
CA ALA A 160 22.64 32.61 8.42
C ALA A 160 23.07 31.23 8.90
N SER A 161 24.01 31.19 9.85
CA SER A 161 24.46 29.92 10.43
C SER A 161 23.38 29.25 11.28
N GLY A 162 22.56 30.08 11.94
CA GLY A 162 21.45 29.59 12.76
C GLY A 162 20.18 29.33 11.99
N GLY A 163 20.22 29.51 10.66
CA GLY A 163 19.05 29.35 9.80
C GLY A 163 18.99 27.99 9.12
N GLY A 164 18.29 27.93 7.99
CA GLY A 164 18.18 26.69 7.21
C GLY A 164 16.84 26.55 6.52
N GLY A 165 16.78 25.68 5.51
CA GLY A 165 15.53 25.40 4.79
C GLY A 165 15.08 26.57 3.93
N GLY A 166 16.04 27.33 3.43
CA GLY A 166 15.76 28.51 2.61
C GLY A 166 15.46 29.77 3.40
N ARG A 167 15.59 29.69 4.73
CA ARG A 167 15.30 30.83 5.60
C ARG A 167 16.55 31.65 5.83
N GLY A 168 16.44 32.96 5.58
CA GLY A 168 17.51 33.89 5.88
C GLY A 168 18.71 33.74 4.96
N MET A 169 18.50 34.03 3.68
CA MET A 169 19.63 34.09 2.74
C MET A 169 19.48 35.11 1.61
N ARG A 170 20.62 35.58 1.12
CA ARG A 170 20.65 36.60 0.07
C ARG A 170 21.69 36.30 -0.99
N VAL A 171 21.27 36.39 -2.24
CA VAL A 171 22.14 36.18 -3.39
C VAL A 171 22.85 37.48 -3.73
N VAL A 172 24.15 37.37 -3.99
CA VAL A 172 24.98 38.53 -4.32
C VAL A 172 25.68 38.23 -5.64
N ARG A 173 25.54 39.14 -6.61
CA ARG A 173 26.10 38.94 -7.93
C ARG A 173 27.24 39.90 -8.27
N GLY A 174 27.59 40.77 -7.33
CA GLY A 174 28.67 41.74 -7.55
C GLY A 174 29.03 42.47 -6.26
N ASP A 175 30.20 43.10 -6.25
CA ASP A 175 30.69 43.81 -5.06
C ASP A 175 29.74 44.88 -4.55
N ALA A 176 29.02 45.53 -5.47
CA ALA A 176 28.18 46.67 -5.09
C ALA A 176 27.06 46.31 -4.11
N GLU A 177 26.66 45.03 -4.09
CA GLU A 177 25.57 44.56 -3.22
C GLU A 177 26.04 43.76 -1.99
N LEU A 178 27.34 43.48 -1.90
CA LEU A 178 27.87 42.58 -0.88
C LEU A 178 27.70 43.09 0.55
N ALA A 179 28.10 44.33 0.81
CA ALA A 179 28.04 44.90 2.16
C ALA A 179 26.61 44.90 2.71
N GLN A 180 25.69 45.44 1.92
CA GLN A 180 24.30 45.57 2.34
C GLN A 180 23.65 44.19 2.48
N SER A 181 24.01 43.25 1.60
CA SER A 181 23.47 41.90 1.66
C SER A 181 23.93 41.18 2.93
N ILE A 182 25.21 41.35 3.28
CA ILE A 182 25.72 40.78 4.53
C ILE A 182 25.03 41.42 5.73
N SER A 183 24.95 42.75 5.73
CA SER A 183 24.33 43.48 6.84
C SER A 183 22.88 43.07 7.09
N MET A 184 22.09 43.00 6.02
CA MET A 184 20.67 42.62 6.16
C MET A 184 20.48 41.17 6.60
N THR A 185 21.28 40.26 6.06
CA THR A 185 21.18 38.86 6.45
C THR A 185 21.51 38.71 7.93
N ARG A 186 22.51 39.45 8.38
CA ARG A 186 22.96 39.46 9.77
C ARG A 186 21.86 39.96 10.69
N ALA A 187 21.24 41.09 10.31
CA ALA A 187 20.20 41.71 11.11
C ALA A 187 18.99 40.79 11.26
N GLU A 188 18.58 40.18 10.17
CA GLU A 188 17.44 39.27 10.19
C GLU A 188 17.68 38.00 11.01
N ALA A 189 18.90 37.48 10.97
CA ALA A 189 19.30 36.34 11.80
C ALA A 189 19.28 36.70 13.28
N LYS A 190 19.86 37.86 13.60
CA LYS A 190 19.85 38.34 14.99
C LYS A 190 18.41 38.47 15.51
N ALA A 191 17.52 38.99 14.68
CA ALA A 191 16.13 39.20 15.09
C ALA A 191 15.38 37.87 15.26
N ALA A 192 15.70 36.90 14.40
CA ALA A 192 14.97 35.62 14.35
C ALA A 192 15.60 34.50 15.20
N PHE A 193 16.92 34.47 15.28
CA PHE A 193 17.62 33.41 16.03
C PHE A 193 18.46 33.91 17.23
N SER A 194 18.50 35.24 17.46
CA SER A 194 19.46 35.85 18.37
C SER A 194 20.88 35.32 18.12
N ASN A 195 21.16 35.05 16.84
CA ASN A 195 22.46 34.56 16.41
C ASN A 195 22.76 35.26 15.10
N ASP A 196 23.68 36.22 15.11
CA ASP A 196 23.92 37.04 13.95
C ASP A 196 25.03 36.48 13.05
N MET A 197 25.46 35.24 13.30
CA MET A 197 26.51 34.62 12.50
C MET A 197 26.05 34.33 11.06
N VAL A 198 26.87 34.73 10.10
CA VAL A 198 26.59 34.44 8.71
C VAL A 198 27.82 33.86 8.02
N TYR A 199 27.57 33.15 6.91
CA TYR A 199 28.65 32.63 6.05
C TYR A 199 28.33 32.90 4.59
N MET A 200 29.29 32.60 3.72
CA MET A 200 29.16 32.78 2.27
C MET A 200 29.38 31.43 1.59
N GLU A 201 28.56 31.17 0.58
CA GLU A 201 28.67 29.97 -0.26
C GLU A 201 28.57 30.40 -1.71
N LYS A 202 29.09 29.56 -2.60
CA LYS A 202 28.83 29.71 -4.03
C LYS A 202 27.34 29.58 -4.27
N TYR A 203 26.77 30.46 -5.08
CA TYR A 203 25.37 30.36 -5.44
C TYR A 203 25.19 29.45 -6.66
N LEU A 204 24.44 28.37 -6.48
CA LEU A 204 24.13 27.44 -7.58
C LEU A 204 22.86 27.92 -8.25
N GLU A 205 22.95 28.13 -9.57
CA GLU A 205 21.87 28.78 -10.33
C GLU A 205 20.64 27.88 -10.52
N ASN A 206 20.85 26.63 -10.91
CA ASN A 206 19.74 25.74 -11.26
C ASN A 206 19.90 24.29 -10.73
N PRO A 207 20.07 24.15 -9.40
CA PRO A 207 20.27 22.83 -8.82
C PRO A 207 18.96 22.08 -8.64
N ARG A 208 19.05 20.76 -8.42
CA ARG A 208 17.93 19.96 -7.93
C ARG A 208 18.18 19.71 -6.44
N HIS A 209 17.11 19.50 -5.68
CA HIS A 209 17.20 19.12 -4.27
C HIS A 209 17.14 17.59 -4.16
N VAL A 210 18.25 16.98 -3.78
CA VAL A 210 18.36 15.53 -3.63
C VAL A 210 18.94 15.24 -2.25
N GLU A 211 18.25 14.41 -1.49
CA GLU A 211 18.59 14.15 -0.09
C GLU A 211 18.73 12.64 0.15
N ILE A 212 19.63 12.28 1.05
CA ILE A 212 19.94 10.89 1.35
C ILE A 212 19.42 10.51 2.73
N GLN A 213 18.66 9.43 2.80
CA GLN A 213 18.16 8.89 4.06
C GLN A 213 19.21 7.98 4.69
N VAL A 214 19.45 8.17 5.98
CA VAL A 214 20.32 7.27 6.74
C VAL A 214 19.62 6.77 8.01
N LEU A 215 20.14 5.66 8.51
CA LEU A 215 19.79 5.13 9.83
C LEU A 215 21.09 4.68 10.50
N ALA A 216 21.23 4.97 11.79
CA ALA A 216 22.40 4.57 12.55
C ALA A 216 21.96 4.09 13.94
N ASP A 217 22.53 2.99 14.41
CA ASP A 217 22.12 2.42 15.70
C ASP A 217 23.18 2.65 16.77
N GLY A 218 22.96 2.14 17.98
CA GLY A 218 23.94 2.29 19.05
C GLY A 218 25.02 1.22 19.10
N GLN A 219 24.96 0.29 18.14
CA GLN A 219 25.97 -0.77 17.97
C GLN A 219 27.01 -0.48 16.89
N GLY A 220 26.98 0.72 16.32
CA GLY A 220 28.00 1.18 15.38
C GLY A 220 27.64 1.02 13.91
N ASN A 221 26.45 0.52 13.63
CA ASN A 221 26.01 0.29 12.26
C ASN A 221 25.39 1.57 11.71
N ALA A 222 25.67 1.86 10.45
CA ALA A 222 25.12 3.04 9.81
C ALA A 222 24.90 2.69 8.35
N ILE A 223 23.69 2.92 7.87
CA ILE A 223 23.34 2.57 6.48
C ILE A 223 22.66 3.73 5.79
N TYR A 224 22.67 3.71 4.46
CA TYR A 224 21.93 4.68 3.66
C TYR A 224 20.83 3.95 2.91
N LEU A 225 19.69 4.62 2.77
CA LEU A 225 18.52 4.06 2.13
C LEU A 225 18.16 4.91 0.92
N ALA A 226 19.09 4.95 -0.02
CA ALA A 226 18.91 5.63 -1.29
C ALA A 226 18.59 7.09 -1.07
N GLU A 227 17.93 7.72 -2.05
CA GLU A 227 17.72 9.15 -2.05
C GLU A 227 16.30 9.54 -2.38
N ARG A 228 16.00 10.83 -2.20
CA ARG A 228 14.72 11.42 -2.58
C ARG A 228 14.97 12.72 -3.31
N ASP A 229 14.21 12.96 -4.39
CA ASP A 229 14.21 14.27 -5.05
C ASP A 229 13.06 15.10 -4.50
N CYS A 230 13.37 16.31 -4.02
CA CYS A 230 12.36 17.21 -3.48
C CYS A 230 12.43 18.61 -4.10
N SER A 231 12.70 18.66 -5.41
CA SER A 231 12.92 19.92 -6.12
C SER A 231 11.64 20.71 -6.37
N MET A 232 10.49 20.04 -6.40
CA MET A 232 9.21 20.69 -6.64
C MET A 232 8.82 21.44 -5.37
N GLN A 233 9.03 22.77 -5.39
CA GLN A 233 8.91 23.61 -4.21
C GLN A 233 8.22 24.94 -4.52
N ARG A 234 7.63 25.52 -3.48
CA ARG A 234 7.16 26.90 -3.54
C ARG A 234 7.65 27.61 -2.29
N ARG A 235 8.44 28.66 -2.49
CA ARG A 235 9.02 29.40 -1.38
C ARG A 235 9.71 28.45 -0.42
N HIS A 236 10.53 27.57 -1.00
CA HIS A 236 11.35 26.58 -0.27
C HIS A 236 10.56 25.51 0.49
N GLN A 237 9.25 25.46 0.29
CA GLN A 237 8.40 24.45 0.89
C GLN A 237 8.20 23.34 -0.13
N LYS A 238 8.57 22.12 0.23
CA LYS A 238 8.42 20.98 -0.67
C LYS A 238 6.94 20.72 -0.93
N VAL A 239 6.62 20.38 -2.17
CA VAL A 239 5.24 20.12 -2.58
C VAL A 239 5.06 18.68 -3.05
N VAL A 240 6.02 18.19 -3.82
CA VAL A 240 6.06 16.80 -4.27
C VAL A 240 7.44 16.26 -3.93
N GLU A 241 7.49 15.00 -3.52
CA GLU A 241 8.75 14.29 -3.35
C GLU A 241 8.71 12.92 -3.99
N GLU A 242 9.87 12.42 -4.41
CA GLU A 242 9.93 11.11 -5.05
C GLU A 242 11.21 10.39 -4.78
N ALA A 243 11.14 9.07 -4.90
CA ALA A 243 12.30 8.21 -4.69
C ALA A 243 12.19 6.98 -5.59
N PRO A 244 13.31 6.57 -6.23
CA PRO A 244 14.61 7.27 -6.22
C PRO A 244 14.54 8.57 -7.02
N ALA A 245 15.65 9.29 -7.09
CA ALA A 245 15.72 10.53 -7.87
C ALA A 245 16.02 10.22 -9.34
N PRO A 246 15.19 10.74 -10.26
CA PRO A 246 15.42 10.53 -11.70
C PRO A 246 16.85 10.85 -12.12
N GLY A 247 17.47 9.94 -12.86
CA GLY A 247 18.79 10.19 -13.43
C GLY A 247 19.96 9.88 -12.54
N ILE A 248 19.70 9.52 -11.28
CA ILE A 248 20.75 9.07 -10.38
C ILE A 248 21.03 7.59 -10.67
N THR A 249 22.26 7.31 -11.04
CA THR A 249 22.70 5.96 -11.34
C THR A 249 23.03 5.22 -10.06
N PRO A 250 23.06 3.88 -10.12
CA PRO A 250 23.52 3.10 -8.97
C PRO A 250 24.92 3.50 -8.48
N GLU A 251 25.79 3.93 -9.40
CA GLU A 251 27.18 4.30 -9.06
C GLU A 251 27.22 5.61 -8.27
N LEU A 252 26.45 6.60 -8.71
CA LEU A 252 26.30 7.86 -7.99
C LEU A 252 25.64 7.65 -6.64
N ARG A 253 24.58 6.85 -6.61
CA ARG A 253 23.88 6.53 -5.36
C ARG A 253 24.82 5.92 -4.34
N ARG A 254 25.66 5.01 -4.82
CA ARG A 254 26.64 4.33 -4.01
C ARG A 254 27.70 5.31 -3.51
N TYR A 255 28.18 6.16 -4.42
CA TYR A 255 29.20 7.17 -4.13
C TYR A 255 28.77 8.08 -2.99
N ILE A 256 27.62 8.71 -3.15
CA ILE A 256 27.12 9.66 -2.16
C ILE A 256 26.61 8.97 -0.87
N GLY A 257 25.95 7.83 -1.01
CA GLY A 257 25.43 7.11 0.14
C GLY A 257 26.52 6.68 1.11
N GLU A 258 27.59 6.11 0.57
CA GLU A 258 28.70 5.64 1.39
C GLU A 258 29.35 6.80 2.14
N ARG A 259 29.45 7.96 1.51
CA ARG A 259 30.00 9.14 2.18
C ARG A 259 29.12 9.64 3.33
N CYS A 260 27.81 9.57 3.13
CA CYS A 260 26.85 9.88 4.20
C CYS A 260 26.92 8.88 5.37
N ALA A 261 26.96 7.59 5.07
CA ALA A 261 27.08 6.56 6.11
C ALA A 261 28.40 6.72 6.90
N LYS A 262 29.48 7.01 6.18
CA LYS A 262 30.79 7.26 6.79
C LYS A 262 30.74 8.48 7.70
N ALA A 263 30.10 9.54 7.23
CA ALA A 263 29.92 10.73 8.05
C ALA A 263 29.19 10.44 9.37
N CYS A 264 28.15 9.60 9.32
CA CYS A 264 27.42 9.15 10.51
C CYS A 264 28.33 8.48 11.54
N VAL A 265 29.22 7.63 11.04
CA VAL A 265 30.19 6.94 11.89
C VAL A 265 31.11 7.96 12.53
N ASP A 266 31.62 8.88 11.72
CA ASP A 266 32.55 9.89 12.23
C ASP A 266 31.96 10.75 13.34
N ILE A 267 30.70 11.14 13.20
CA ILE A 267 30.07 12.08 14.13
C ILE A 267 29.32 11.39 15.28
N GLY A 268 29.26 10.06 15.26
CA GLY A 268 28.56 9.31 16.30
C GLY A 268 27.06 9.51 16.21
N TYR A 269 26.55 9.50 14.98
CA TYR A 269 25.12 9.73 14.75
C TYR A 269 24.29 8.54 15.25
N ARG A 270 23.07 8.83 15.69
CA ARG A 270 22.14 7.82 16.16
C ARG A 270 20.73 8.13 15.65
N GLY A 271 20.07 7.11 15.09
CA GLY A 271 18.67 7.20 14.72
C GLY A 271 18.51 7.50 13.24
N ALA A 272 17.34 8.00 12.87
CA ALA A 272 17.08 8.43 11.50
C ALA A 272 17.65 9.83 11.29
N GLY A 273 18.13 10.08 10.09
CA GLY A 273 18.56 11.41 9.69
C GLY A 273 18.57 11.55 8.18
N THR A 274 18.67 12.79 7.72
CA THR A 274 18.69 13.08 6.30
C THR A 274 19.80 14.08 5.94
N PHE A 275 20.63 13.72 4.97
CA PHE A 275 21.63 14.63 4.41
C PHE A 275 21.03 15.30 3.18
N GLU A 276 20.82 16.61 3.25
CA GLU A 276 20.29 17.37 2.11
C GLU A 276 21.41 17.89 1.23
N PHE A 277 21.27 17.67 -0.08
CA PHE A 277 22.22 18.16 -1.07
C PHE A 277 21.54 18.99 -2.14
N LEU A 278 22.31 19.92 -2.70
CA LEU A 278 22.00 20.46 -4.01
C LEU A 278 22.79 19.64 -5.03
N PHE A 279 22.11 19.28 -6.12
CA PHE A 279 22.67 18.42 -7.15
C PHE A 279 22.61 19.19 -8.47
N GLU A 280 23.77 19.41 -9.09
CA GLU A 280 23.89 20.17 -10.31
C GLU A 280 25.09 19.71 -11.12
N ASN A 281 24.90 19.57 -12.43
CA ASN A 281 25.93 19.04 -13.32
C ASN A 281 26.55 17.75 -12.82
N GLY A 282 25.71 16.83 -12.35
CA GLY A 282 26.16 15.52 -11.88
C GLY A 282 26.94 15.50 -10.58
N GLU A 283 26.96 16.63 -9.86
CA GLU A 283 27.74 16.79 -8.64
C GLU A 283 26.83 17.08 -7.45
N PHE A 284 27.14 16.48 -6.30
CA PHE A 284 26.43 16.73 -5.03
C PHE A 284 27.17 17.77 -4.20
N TYR A 285 26.41 18.61 -3.49
CA TYR A 285 26.93 19.64 -2.58
C TYR A 285 26.07 19.70 -1.31
N PHE A 286 26.64 19.32 -0.16
CA PHE A 286 25.91 19.34 1.10
C PHE A 286 25.44 20.74 1.49
N ILE A 287 24.19 20.88 1.91
CA ILE A 287 23.75 22.16 2.47
C ILE A 287 23.38 22.05 3.95
N GLU A 288 22.67 20.98 4.32
CA GLU A 288 22.28 20.78 5.72
C GLU A 288 21.84 19.34 6.05
N MET A 289 21.90 19.01 7.34
CA MET A 289 21.46 17.70 7.81
C MET A 289 20.25 17.87 8.74
N ASN A 290 19.21 17.09 8.49
CA ASN A 290 18.02 17.06 9.34
C ASN A 290 18.17 15.89 10.27
N THR A 291 18.21 16.17 11.56
CA THR A 291 18.60 15.17 12.56
C THR A 291 17.33 14.62 13.22
N ARG A 292 16.46 14.05 12.39
CA ARG A 292 15.06 13.75 12.72
C ARG A 292 14.44 13.03 11.53
N ILE A 293 13.26 12.43 11.72
CA ILE A 293 12.47 11.90 10.61
C ILE A 293 11.89 13.09 9.84
N GLN A 294 11.60 12.92 8.56
CA GLN A 294 11.03 14.01 7.78
C GLN A 294 9.66 13.64 7.25
N VAL A 295 8.91 14.67 6.88
CA VAL A 295 7.61 14.54 6.25
C VAL A 295 7.62 13.44 5.18
N GLU A 296 8.60 13.50 4.30
CA GLU A 296 8.60 12.71 3.06
C GLU A 296 9.22 11.31 3.18
N HIS A 297 9.44 10.84 4.41
CA HIS A 297 10.01 9.52 4.66
C HIS A 297 9.27 8.37 3.97
N PRO A 298 7.94 8.45 3.83
CA PRO A 298 7.22 7.32 3.23
C PRO A 298 7.67 6.90 1.80
N VAL A 299 8.18 7.81 0.98
CA VAL A 299 8.62 7.40 -0.37
C VAL A 299 9.81 6.43 -0.29
N THR A 300 10.68 6.63 0.68
CA THR A 300 11.84 5.77 0.88
C THR A 300 11.40 4.40 1.44
N GLU A 301 10.41 4.41 2.31
CA GLU A 301 9.83 3.18 2.81
C GLU A 301 9.28 2.32 1.67
N MET A 302 8.56 2.95 0.73
CA MET A 302 7.92 2.19 -0.36
C MET A 302 8.94 1.49 -1.24
N ILE A 303 10.07 2.13 -1.50
CA ILE A 303 11.08 1.58 -2.42
C ILE A 303 12.11 0.67 -1.78
N THR A 304 12.16 0.64 -0.44
CA THR A 304 13.13 -0.20 0.28
C THR A 304 12.50 -1.28 1.18
N GLY A 305 11.21 -1.14 1.51
CA GLY A 305 10.53 -2.04 2.45
C GLY A 305 10.83 -1.77 3.92
N VAL A 306 11.68 -0.79 4.21
CA VAL A 306 12.08 -0.50 5.58
C VAL A 306 11.10 0.48 6.23
N ASP A 307 10.57 0.07 7.39
CA ASP A 307 9.70 0.91 8.18
C ASP A 307 10.59 1.82 9.05
N LEU A 308 10.67 3.10 8.67
CA LEU A 308 11.65 4.00 9.27
C LEU A 308 11.27 4.41 10.68
N ILE A 309 9.98 4.54 10.96
CA ILE A 309 9.53 4.86 12.32
C ILE A 309 9.80 3.67 13.24
N LYS A 310 9.46 2.46 12.81
CA LYS A 310 9.76 1.28 13.62
C LYS A 310 11.27 1.17 13.89
N GLU A 311 12.09 1.48 12.90
CA GLU A 311 13.53 1.50 13.11
C GLU A 311 13.96 2.51 14.17
N GLN A 312 13.39 3.73 14.13
CA GLN A 312 13.71 4.75 15.14
C GLN A 312 13.46 4.21 16.55
N LEU A 313 12.33 3.53 16.71
CA LEU A 313 11.91 3.03 18.02
C LEU A 313 12.81 1.88 18.47
N ARG A 314 13.16 0.98 17.54
CA ARG A 314 14.08 -0.12 17.81
C ARG A 314 15.45 0.39 18.29
N ILE A 315 16.00 1.35 17.55
CA ILE A 315 17.28 1.99 17.88
C ILE A 315 17.26 2.62 19.27
N ALA A 316 16.20 3.34 19.59
CA ALA A 316 16.03 3.95 20.91
C ALA A 316 16.00 2.92 22.05
N ALA A 317 15.43 1.75 21.79
CA ALA A 317 15.41 0.66 22.78
C ALA A 317 16.72 -0.10 22.90
N GLY A 318 17.69 0.18 22.02
CA GLY A 318 18.99 -0.46 22.08
C GLY A 318 19.07 -1.71 21.21
N GLN A 319 18.20 -1.79 20.21
CA GLN A 319 18.28 -2.86 19.23
C GLN A 319 19.09 -2.41 18.04
N PRO A 320 19.83 -3.34 17.42
CA PRO A 320 20.56 -2.96 16.23
C PRO A 320 19.61 -2.79 15.05
N LEU A 321 20.11 -2.18 13.98
CA LEU A 321 19.30 -2.01 12.77
C LEU A 321 18.81 -3.38 12.30
N SER A 322 17.59 -3.42 11.78
CA SER A 322 16.96 -4.69 11.40
C SER A 322 17.50 -5.21 10.06
N ILE A 323 18.21 -4.35 9.32
CA ILE A 323 18.74 -4.68 8.00
C ILE A 323 20.18 -4.18 7.86
N LYS A 324 20.96 -4.92 7.08
CA LYS A 324 22.32 -4.52 6.73
C LYS A 324 22.33 -3.80 5.38
N GLN A 325 23.39 -3.05 5.10
CA GLN A 325 23.49 -2.32 3.82
C GLN A 325 23.27 -3.23 2.62
N GLU A 326 23.90 -4.41 2.61
CA GLU A 326 23.77 -5.37 1.50
C GLU A 326 22.34 -5.86 1.28
N GLU A 327 21.48 -5.69 2.29
CA GLU A 327 20.07 -6.05 2.20
C GLU A 327 19.18 -4.89 1.75
N VAL A 328 19.74 -3.71 1.61
CA VAL A 328 18.98 -2.55 1.16
C VAL A 328 19.00 -2.46 -0.36
N HIS A 329 17.83 -2.58 -0.96
CA HIS A 329 17.70 -2.51 -2.42
C HIS A 329 16.58 -1.56 -2.83
N VAL A 330 16.90 -0.71 -3.80
CA VAL A 330 15.92 0.17 -4.42
C VAL A 330 15.12 -0.68 -5.39
N ARG A 331 13.82 -0.78 -5.16
CA ARG A 331 12.90 -1.46 -6.05
C ARG A 331 11.71 -0.55 -6.35
N GLY A 332 11.40 -0.37 -7.63
CA GLY A 332 10.26 0.42 -8.05
C GLY A 332 10.48 1.91 -7.86
N HIS A 333 9.38 2.65 -7.75
CA HIS A 333 9.44 4.10 -7.64
C HIS A 333 8.23 4.59 -6.85
N ALA A 334 8.42 5.63 -6.03
CA ALA A 334 7.29 6.22 -5.29
C ALA A 334 7.27 7.74 -5.37
N VAL A 335 6.07 8.30 -5.44
CA VAL A 335 5.84 9.74 -5.47
C VAL A 335 4.93 10.12 -4.31
N GLU A 336 5.24 11.23 -3.65
CA GLU A 336 4.40 11.80 -2.59
C GLU A 336 3.89 13.18 -2.98
N CYS A 337 2.59 13.37 -2.87
CA CYS A 337 1.95 14.67 -3.04
C CYS A 337 1.47 15.13 -1.68
N ARG A 338 1.99 16.25 -1.19
CA ARG A 338 1.50 16.84 0.06
C ARG A 338 0.12 17.43 -0.18
N ILE A 339 -0.82 17.12 0.71
CA ILE A 339 -2.15 17.72 0.64
C ILE A 339 -2.27 18.82 1.70
N ASN A 340 -2.55 20.02 1.24
CA ASN A 340 -2.56 21.23 2.05
C ASN A 340 -3.94 21.86 2.02
N ALA A 341 -4.44 22.24 3.20
CA ALA A 341 -5.63 23.09 3.29
C ALA A 341 -5.18 24.53 3.08
N GLU A 342 -5.28 24.98 1.83
CA GLU A 342 -4.79 26.30 1.43
C GLU A 342 -5.64 26.87 0.31
N ASP A 343 -5.70 28.21 0.26
CA ASP A 343 -6.38 28.91 -0.82
C ASP A 343 -5.53 28.84 -2.11
N PRO A 344 -6.16 28.51 -3.25
CA PRO A 344 -5.43 28.33 -4.51
C PRO A 344 -4.82 29.62 -5.09
N ASN A 345 -5.38 30.78 -4.70
CA ASN A 345 -4.92 32.05 -5.24
C ASN A 345 -3.92 32.77 -4.33
N THR A 346 -4.14 32.71 -3.01
CA THR A 346 -3.23 33.36 -2.06
C THR A 346 -2.18 32.42 -1.45
N PHE A 347 -2.45 31.12 -1.48
CA PHE A 347 -1.60 30.10 -0.84
C PHE A 347 -1.51 30.23 0.69
N LEU A 348 -2.41 31.00 1.28
CA LEU A 348 -2.51 31.09 2.73
C LEU A 348 -3.29 29.88 3.24
N PRO A 349 -3.03 29.46 4.49
CA PRO A 349 -3.77 28.35 5.09
C PRO A 349 -5.26 28.60 5.02
N SER A 350 -6.04 27.54 4.83
CA SER A 350 -7.47 27.63 4.66
C SER A 350 -8.15 26.64 5.60
N PRO A 351 -8.14 26.95 6.91
CA PRO A 351 -8.70 26.03 7.90
C PRO A 351 -10.23 25.96 7.80
N GLY A 352 -10.83 25.03 8.55
CA GLY A 352 -12.28 24.87 8.53
C GLY A 352 -12.72 23.43 8.70
N LYS A 353 -14.03 23.21 8.57
CA LYS A 353 -14.62 21.89 8.80
C LYS A 353 -14.79 21.11 7.51
N ILE A 354 -14.28 19.88 7.50
CA ILE A 354 -14.45 18.97 6.37
C ILE A 354 -15.84 18.35 6.48
N THR A 355 -16.65 18.47 5.42
CA THR A 355 -18.04 18.02 5.42
C THR A 355 -18.25 16.68 4.75
N ARG A 356 -17.41 16.37 3.78
CA ARG A 356 -17.40 15.06 3.13
C ARG A 356 -15.95 14.70 2.89
N PHE A 357 -15.59 13.44 3.15
CA PHE A 357 -14.24 12.99 2.94
C PHE A 357 -14.22 11.58 2.36
N HIS A 358 -13.35 11.36 1.39
CA HIS A 358 -13.14 10.03 0.86
C HIS A 358 -11.70 9.84 0.42
N ALA A 359 -11.07 8.81 0.96
CA ALA A 359 -9.68 8.51 0.67
C ALA A 359 -9.59 7.57 -0.53
N PRO A 360 -8.55 7.75 -1.36
CA PRO A 360 -8.34 6.83 -2.47
C PRO A 360 -7.85 5.46 -1.95
N GLY A 361 -7.98 4.43 -2.78
CA GLY A 361 -7.47 3.11 -2.42
C GLY A 361 -6.84 2.43 -3.61
N GLY A 362 -6.51 1.15 -3.46
CA GLY A 362 -5.99 0.34 -4.56
C GLY A 362 -4.54 -0.08 -4.38
N PHE A 363 -4.04 -0.81 -5.38
CA PHE A 363 -2.70 -1.34 -5.38
C PHE A 363 -1.69 -0.20 -5.46
N GLY A 364 -0.77 -0.16 -4.50
CA GLY A 364 0.32 0.83 -4.50
C GLY A 364 -0.05 2.21 -3.99
N VAL A 365 -1.25 2.34 -3.43
CA VAL A 365 -1.75 3.64 -2.95
C VAL A 365 -1.67 3.67 -1.42
N ARG A 366 -1.01 4.69 -0.87
CA ARG A 366 -0.85 4.84 0.56
C ARG A 366 -1.27 6.25 0.99
N TRP A 367 -2.25 6.32 1.89
CA TRP A 367 -2.82 7.59 2.33
C TRP A 367 -2.41 7.81 3.78
N GLU A 368 -1.69 8.91 4.02
CA GLU A 368 -1.21 9.25 5.36
C GLU A 368 -1.93 10.52 5.82
N SER A 369 -2.95 10.34 6.66
CA SER A 369 -3.72 11.47 7.18
C SER A 369 -4.61 11.11 8.36
N HIS A 370 -4.72 12.09 9.25
CA HIS A 370 -5.61 12.07 10.40
C HIS A 370 -7.05 12.56 10.10
N ILE A 371 -7.26 13.13 8.92
CA ILE A 371 -8.54 13.78 8.65
C ILE A 371 -9.66 12.79 8.41
N TYR A 372 -10.88 13.23 8.70
CA TYR A 372 -12.07 12.43 8.52
C TYR A 372 -13.27 13.35 8.34
N ALA A 373 -14.36 12.81 7.81
CA ALA A 373 -15.59 13.60 7.63
C ALA A 373 -16.07 14.16 8.96
N GLY A 374 -16.27 15.47 9.00
CA GLY A 374 -16.73 16.16 10.21
C GLY A 374 -15.58 16.71 11.04
N TYR A 375 -14.35 16.42 10.64
CA TYR A 375 -13.17 16.94 11.33
C TYR A 375 -12.94 18.41 10.95
N THR A 376 -12.64 19.24 11.96
CA THR A 376 -12.26 20.65 11.75
C THR A 376 -10.74 20.82 11.76
N VAL A 377 -10.21 21.33 10.66
CA VAL A 377 -8.80 21.70 10.58
C VAL A 377 -8.66 23.00 11.38
N PRO A 378 -7.92 22.98 12.51
CA PRO A 378 -7.79 24.22 13.28
C PRO A 378 -6.85 25.24 12.63
N PRO A 379 -7.01 26.53 12.95
CA PRO A 379 -6.16 27.57 12.37
C PRO A 379 -4.74 27.71 12.95
N TYR A 380 -4.44 26.99 14.04
CA TYR A 380 -3.25 27.27 14.83
C TYR A 380 -1.97 26.58 14.37
N TYR A 381 -2.10 25.66 13.42
CA TYR A 381 -0.99 24.79 13.04
C TYR A 381 -0.81 24.78 11.52
N ASP A 382 0.19 24.03 11.07
CA ASP A 382 0.58 23.91 9.66
C ASP A 382 -0.58 23.55 8.71
N SER A 383 -0.46 23.99 7.45
CA SER A 383 -1.52 23.75 6.47
C SER A 383 -1.56 22.31 5.94
N MET A 384 -0.50 21.54 6.14
CA MET A 384 -0.46 20.19 5.59
C MET A 384 -1.37 19.27 6.38
N ILE A 385 -2.38 18.74 5.72
CA ILE A 385 -3.40 17.90 6.34
C ILE A 385 -3.28 16.42 6.00
N GLY A 386 -2.53 16.09 4.94
CA GLY A 386 -2.29 14.70 4.59
C GLY A 386 -1.24 14.54 3.52
N LYS A 387 -0.86 13.29 3.28
CA LYS A 387 0.12 12.95 2.26
C LYS A 387 -0.39 11.75 1.47
N LEU A 388 -0.39 11.87 0.15
CA LEU A 388 -0.79 10.77 -0.72
C LEU A 388 0.49 10.24 -1.35
N ILE A 389 0.76 8.96 -1.15
CA ILE A 389 1.98 8.34 -1.64
C ILE A 389 1.58 7.19 -2.55
N CYS A 390 2.10 7.17 -3.77
CA CYS A 390 1.81 6.09 -4.72
C CYS A 390 3.10 5.45 -5.22
N TYR A 391 3.09 4.11 -5.22
CA TYR A 391 4.23 3.31 -5.62
C TYR A 391 3.91 2.53 -6.89
N GLY A 392 4.91 2.37 -7.75
CA GLY A 392 4.80 1.51 -8.93
C GLY A 392 6.10 0.81 -9.22
N GLU A 393 6.06 -0.17 -10.13
CA GLU A 393 7.28 -0.87 -10.55
C GLU A 393 8.22 0.05 -11.33
N ASN A 394 7.68 1.18 -11.81
CA ASN A 394 8.52 2.26 -12.37
C ASN A 394 7.88 3.63 -12.14
N ARG A 395 8.62 4.68 -12.48
CA ARG A 395 8.17 6.05 -12.25
C ARG A 395 6.87 6.36 -12.96
N ASP A 396 6.72 5.89 -14.21
CA ASP A 396 5.48 6.15 -14.96
C ASP A 396 4.25 5.54 -14.29
N VAL A 397 4.37 4.32 -13.79
CA VAL A 397 3.27 3.67 -13.09
C VAL A 397 2.92 4.42 -11.80
N ALA A 398 3.95 4.84 -11.07
CA ALA A 398 3.77 5.64 -9.86
C ALA A 398 3.00 6.93 -10.17
N ILE A 399 3.38 7.63 -11.23
CA ILE A 399 2.69 8.86 -11.64
C ILE A 399 1.23 8.59 -12.07
N ALA A 400 1.01 7.51 -12.81
CA ALA A 400 -0.33 7.12 -13.26
C ALA A 400 -1.26 6.83 -12.09
N ARG A 401 -0.73 6.11 -11.10
CA ARG A 401 -1.49 5.76 -9.90
C ARG A 401 -1.84 7.00 -9.08
N MET A 402 -0.87 7.92 -8.96
CA MET A 402 -1.11 9.21 -8.30
C MET A 402 -2.23 10.01 -8.95
N LYS A 403 -2.20 10.11 -10.29
CA LYS A 403 -3.28 10.80 -11.02
C LYS A 403 -4.65 10.22 -10.66
N ASN A 404 -4.76 8.88 -10.72
CA ASN A 404 -6.02 8.20 -10.38
C ASN A 404 -6.43 8.40 -8.93
N ALA A 405 -5.47 8.27 -8.01
CA ALA A 405 -5.74 8.44 -6.58
C ALA A 405 -6.16 9.87 -6.25
N LEU A 406 -5.50 10.86 -6.86
CA LEU A 406 -5.89 12.27 -6.69
C LEU A 406 -7.32 12.53 -7.15
N GLN A 407 -7.75 11.82 -8.20
CA GLN A 407 -9.11 11.95 -8.70
C GLN A 407 -10.16 11.32 -7.78
N GLU A 408 -9.78 10.34 -6.97
CA GLU A 408 -10.70 9.69 -6.02
C GLU A 408 -10.80 10.42 -4.70
N LEU A 409 -9.75 11.17 -4.37
CA LEU A 409 -9.69 11.89 -3.12
C LEU A 409 -10.77 12.97 -3.10
N ILE A 410 -11.63 12.91 -2.08
CA ILE A 410 -12.64 13.93 -1.87
C ILE A 410 -12.37 14.58 -0.52
N ILE A 411 -12.18 15.90 -0.55
CA ILE A 411 -12.10 16.68 0.67
C ILE A 411 -12.94 17.94 0.47
N ASP A 412 -14.22 17.89 0.86
CA ASP A 412 -15.13 19.03 0.71
C ASP A 412 -15.24 19.82 1.99
N GLY A 413 -15.61 21.10 1.85
CA GLY A 413 -15.81 21.97 2.99
C GLY A 413 -14.65 22.91 3.26
N ILE A 414 -13.46 22.55 2.79
CA ILE A 414 -12.28 23.41 2.89
C ILE A 414 -11.60 23.45 1.52
N LYS A 415 -10.79 24.49 1.30
CA LYS A 415 -10.02 24.61 0.06
C LYS A 415 -8.73 23.81 0.20
N THR A 416 -8.34 23.11 -0.86
CA THR A 416 -7.12 22.31 -0.84
C THR A 416 -6.32 22.44 -2.16
N ASN A 417 -5.10 21.91 -2.13
CA ASN A 417 -4.23 21.92 -3.32
C ASN A 417 -4.35 20.65 -4.18
N VAL A 418 -5.45 19.91 -4.06
CA VAL A 418 -5.58 18.69 -4.86
C VAL A 418 -5.52 19.02 -6.34
N ASP A 419 -6.21 20.07 -6.76
CA ASP A 419 -6.26 20.42 -8.18
C ASP A 419 -4.87 20.80 -8.69
N LEU A 420 -4.11 21.53 -7.88
CA LEU A 420 -2.73 21.88 -8.20
C LEU A 420 -1.86 20.63 -8.35
N GLN A 421 -1.98 19.69 -7.42
CA GLN A 421 -1.25 18.43 -7.51
C GLN A 421 -1.59 17.65 -8.79
N ILE A 422 -2.85 17.69 -9.19
CA ILE A 422 -3.28 17.08 -10.46
C ILE A 422 -2.56 17.77 -11.64
N ARG A 423 -2.51 19.10 -11.62
CA ARG A 423 -1.76 19.87 -12.61
C ARG A 423 -0.29 19.46 -12.69
N ILE A 424 0.33 19.23 -11.54
CA ILE A 424 1.75 18.89 -11.51
C ILE A 424 1.97 17.49 -12.10
N MET A 425 1.12 16.54 -11.71
CA MET A 425 1.24 15.17 -12.23
C MET A 425 1.07 15.13 -13.76
N ASN A 426 0.31 16.08 -14.28
CA ASN A 426 0.06 16.18 -15.71
C ASN A 426 1.03 17.09 -16.48
N ASP A 427 2.02 17.63 -15.76
CA ASP A 427 2.99 18.54 -16.35
C ASP A 427 4.03 17.72 -17.14
N GLU A 428 4.23 18.09 -18.40
CA GLU A 428 5.11 17.34 -19.30
C GLU A 428 6.58 17.35 -18.87
N ASN A 429 7.03 18.43 -18.22
CA ASN A 429 8.40 18.50 -17.72
C ASN A 429 8.59 17.63 -16.49
N PHE A 430 7.61 17.63 -15.58
CA PHE A 430 7.62 16.68 -14.47
C PHE A 430 7.56 15.24 -14.96
N GLN A 431 6.73 14.95 -15.96
CA GLN A 431 6.63 13.57 -16.45
C GLN A 431 7.94 13.09 -17.07
N HIS A 432 8.69 14.01 -17.68
CA HIS A 432 10.05 13.71 -18.15
C HIS A 432 11.01 13.48 -16.97
N GLY A 433 10.86 14.30 -15.92
CA GLY A 433 11.67 14.17 -14.71
C GLY A 433 12.85 15.12 -14.67
N GLY A 434 13.46 15.26 -13.49
CA GLY A 434 14.67 16.06 -13.33
C GLY A 434 14.49 17.58 -13.35
N THR A 435 13.27 18.05 -13.13
CA THR A 435 13.03 19.50 -13.02
C THR A 435 13.72 20.04 -11.78
N ASN A 436 14.17 21.31 -11.84
CA ASN A 436 14.97 21.90 -10.77
C ASN A 436 14.13 22.65 -9.75
N ILE A 437 14.81 23.25 -8.77
CA ILE A 437 14.15 23.86 -7.61
C ILE A 437 13.35 25.13 -7.94
N HIS A 438 13.49 25.63 -9.17
CA HIS A 438 12.79 26.85 -9.60
C HIS A 438 11.55 26.56 -10.44
N TYR A 439 11.37 25.30 -10.83
CA TYR A 439 10.37 24.98 -11.84
C TYR A 439 8.91 25.30 -11.45
N LEU A 440 8.49 24.92 -10.25
CA LEU A 440 7.07 25.08 -9.89
C LEU A 440 6.69 26.57 -9.88
N GLU A 441 7.55 27.39 -9.30
CA GLU A 441 7.32 28.83 -9.28
C GLU A 441 7.30 29.41 -10.69
N LYS A 442 8.15 28.89 -11.57
CA LYS A 442 8.11 29.26 -13.00
C LYS A 442 6.78 28.88 -13.64
N LYS A 443 6.32 27.67 -13.37
CA LYS A 443 5.05 27.17 -13.88
C LYS A 443 3.88 27.99 -13.35
N LEU A 444 3.84 28.21 -12.04
CA LEU A 444 2.78 29.00 -11.41
C LEU A 444 2.76 30.44 -11.93
N GLY A 445 3.92 30.98 -12.30
CA GLY A 445 4.00 32.28 -12.97
C GLY A 445 3.29 32.29 -14.33
N LEU A 446 3.41 31.20 -15.08
CA LEU A 446 2.75 31.07 -16.38
C LEU A 446 1.23 30.93 -16.25
N GLN A 447 0.52 30.83 -17.27
N MET B 1 -2.77 -1.82 -27.02
CA MET B 1 -3.65 -1.78 -25.80
C MET B 1 -5.12 -1.58 -26.19
N LEU B 2 -6.03 -2.04 -25.33
CA LEU B 2 -7.45 -1.96 -25.63
C LEU B 2 -7.91 -0.49 -25.56
N ASP B 3 -8.66 -0.04 -26.56
CA ASP B 3 -9.14 1.34 -26.57
C ASP B 3 -10.16 1.60 -25.46
N LYS B 4 -11.09 0.66 -25.30
CA LYS B 4 -12.27 0.85 -24.47
C LYS B 4 -12.86 -0.52 -24.10
N ILE B 5 -13.17 -0.72 -22.82
CA ILE B 5 -13.76 -1.99 -22.36
C ILE B 5 -15.03 -1.80 -21.52
N VAL B 6 -15.89 -2.81 -21.57
CA VAL B 6 -17.03 -2.89 -20.66
C VAL B 6 -16.58 -3.70 -19.46
N ILE B 7 -16.84 -3.16 -18.27
CA ILE B 7 -16.61 -3.88 -17.02
C ILE B 7 -17.95 -4.53 -16.67
N ALA B 8 -18.07 -5.82 -16.97
CA ALA B 8 -19.34 -6.54 -16.78
C ALA B 8 -19.40 -7.13 -15.37
N ASN B 9 -19.40 -6.23 -14.39
CA ASN B 9 -19.45 -6.61 -12.98
C ASN B 9 -19.82 -5.39 -12.13
N ARG B 10 -19.68 -5.52 -10.82
CA ARG B 10 -20.09 -4.48 -9.88
C ARG B 10 -19.20 -4.50 -8.64
N GLY B 11 -19.48 -3.59 -7.71
CA GLY B 11 -18.81 -3.60 -6.41
C GLY B 11 -17.31 -3.39 -6.47
N GLU B 12 -16.61 -4.03 -5.53
CA GLU B 12 -15.17 -3.83 -5.38
C GLU B 12 -14.38 -4.25 -6.61
N ILE B 13 -14.76 -5.37 -7.26
CA ILE B 13 -13.97 -5.87 -8.39
C ILE B 13 -14.11 -4.98 -9.61
N ALA B 14 -15.30 -4.41 -9.81
CA ALA B 14 -15.52 -3.45 -10.89
C ALA B 14 -14.61 -2.23 -10.70
N LEU B 15 -14.48 -1.77 -9.47
CA LEU B 15 -13.60 -0.64 -9.16
C LEU B 15 -12.13 -0.99 -9.36
N ARG B 16 -11.75 -2.19 -8.91
CA ARG B 16 -10.40 -2.73 -9.11
C ARG B 16 -10.02 -2.71 -10.60
N ILE B 17 -10.95 -3.16 -11.43
CA ILE B 17 -10.74 -3.22 -12.87
C ILE B 17 -10.68 -1.80 -13.46
N LEU B 18 -11.56 -0.92 -13.01
CA LEU B 18 -11.56 0.47 -13.48
C LEU B 18 -10.20 1.13 -13.22
N ARG B 19 -9.63 0.95 -12.04
CA ARG B 19 -8.35 1.56 -11.71
C ARG B 19 -7.22 1.07 -12.62
N ALA B 20 -7.18 -0.23 -12.90
CA ALA B 20 -6.19 -0.80 -13.81
C ALA B 20 -6.33 -0.21 -15.23
N CYS B 21 -7.58 -0.11 -15.69
CA CYS B 21 -7.88 0.52 -16.99
C CYS B 21 -7.33 1.94 -17.06
N LYS B 22 -7.65 2.74 -16.04
CA LYS B 22 -7.21 4.14 -15.98
C LYS B 22 -5.69 4.25 -16.02
N GLU B 23 -5.01 3.33 -15.33
CA GLU B 23 -3.55 3.30 -15.34
C GLU B 23 -2.99 3.03 -16.73
N LEU B 24 -3.70 2.21 -17.49
CA LEU B 24 -3.26 1.81 -18.82
C LEU B 24 -3.77 2.72 -19.93
N GLY B 25 -4.58 3.71 -19.58
CA GLY B 25 -5.18 4.61 -20.56
C GLY B 25 -6.35 4.02 -21.34
N ILE B 26 -6.96 2.98 -20.78
CA ILE B 26 -8.09 2.26 -21.38
C ILE B 26 -9.39 2.93 -20.95
N LYS B 27 -10.25 3.27 -21.91
CA LYS B 27 -11.52 3.93 -21.60
C LYS B 27 -12.46 2.92 -20.95
N THR B 28 -13.28 3.39 -20.02
CA THR B 28 -14.18 2.49 -19.30
C THR B 28 -15.64 2.74 -19.63
N VAL B 29 -16.37 1.64 -19.78
CA VAL B 29 -17.83 1.66 -19.86
C VAL B 29 -18.34 0.86 -18.65
N ALA B 30 -19.06 1.52 -17.76
CA ALA B 30 -19.64 0.86 -16.59
C ALA B 30 -21.09 0.50 -16.89
N VAL B 31 -21.36 -0.79 -17.01
CA VAL B 31 -22.74 -1.29 -17.13
C VAL B 31 -23.23 -1.61 -15.71
N HIS B 32 -24.46 -1.21 -15.42
CA HIS B 32 -24.98 -1.33 -14.07
C HIS B 32 -26.48 -1.53 -14.07
N SER B 33 -26.98 -2.13 -12.99
CA SER B 33 -28.43 -2.23 -12.75
C SER B 33 -28.93 -0.90 -12.23
N SER B 34 -30.25 -0.70 -12.23
CA SER B 34 -30.79 0.56 -11.71
C SER B 34 -30.49 0.76 -10.23
N ALA B 35 -30.25 -0.32 -9.49
CA ALA B 35 -29.95 -0.23 -8.06
C ALA B 35 -28.51 0.17 -7.78
N ASP B 36 -27.66 0.14 -8.81
CA ASP B 36 -26.22 0.34 -8.67
C ASP B 36 -25.74 1.62 -9.32
N ARG B 37 -26.66 2.57 -9.52
CA ARG B 37 -26.36 3.84 -10.17
C ARG B 37 -25.28 4.64 -9.44
N ASP B 38 -25.23 4.49 -8.12
CA ASP B 38 -24.30 5.25 -7.28
C ASP B 38 -23.09 4.44 -6.81
N LEU B 39 -22.79 3.32 -7.48
CA LEU B 39 -21.54 2.62 -7.23
C LEU B 39 -20.37 3.55 -7.51
N LYS B 40 -19.32 3.45 -6.68
CA LYS B 40 -18.13 4.28 -6.86
C LYS B 40 -17.56 4.18 -8.28
N HIS B 41 -17.41 2.97 -8.80
CA HIS B 41 -16.81 2.83 -10.14
C HIS B 41 -17.71 3.38 -11.25
N VAL B 42 -19.03 3.32 -11.07
CA VAL B 42 -19.98 3.92 -12.03
C VAL B 42 -19.78 5.45 -12.07
N LEU B 43 -19.63 6.05 -10.89
CA LEU B 43 -19.42 7.48 -10.77
C LEU B 43 -18.06 7.92 -11.36
N LEU B 44 -17.08 7.02 -11.36
CA LEU B 44 -15.75 7.29 -11.92
C LEU B 44 -15.56 6.93 -13.40
N ALA B 45 -16.46 6.11 -13.95
CA ALA B 45 -16.28 5.57 -15.31
C ALA B 45 -16.43 6.65 -16.39
N ASP B 46 -15.82 6.42 -17.55
CA ASP B 46 -15.91 7.37 -18.67
C ASP B 46 -17.31 7.42 -19.25
N GLU B 47 -17.93 6.26 -19.44
CA GLU B 47 -19.31 6.15 -19.91
C GLU B 47 -20.06 5.16 -19.03
N THR B 48 -21.38 5.35 -18.92
CA THR B 48 -22.24 4.44 -18.15
C THR B 48 -23.48 4.03 -18.94
N VAL B 49 -23.92 2.79 -18.72
CA VAL B 49 -25.14 2.26 -19.34
C VAL B 49 -25.93 1.48 -18.29
N CYS B 50 -27.19 1.83 -18.10
CA CYS B 50 -28.07 1.01 -17.27
C CYS B 50 -28.54 -0.19 -18.07
N ILE B 51 -28.22 -1.40 -17.59
CA ILE B 51 -28.51 -2.62 -18.35
C ILE B 51 -29.73 -3.40 -17.85
N GLY B 52 -30.43 -2.86 -16.85
CA GLY B 52 -31.70 -3.45 -16.43
C GLY B 52 -32.00 -3.19 -14.97
N PRO B 53 -33.14 -3.72 -14.48
CA PRO B 53 -33.51 -3.56 -13.08
C PRO B 53 -32.61 -4.37 -12.14
N ALA B 54 -32.86 -4.22 -10.84
CA ALA B 54 -31.97 -4.72 -9.77
C ALA B 54 -31.58 -6.20 -9.79
N PRO B 55 -32.55 -7.12 -9.93
CA PRO B 55 -32.17 -8.53 -9.88
C PRO B 55 -31.09 -8.89 -10.91
N SER B 56 -30.09 -9.67 -10.50
CA SER B 56 -28.98 -9.98 -11.38
C SER B 56 -29.43 -10.63 -12.69
N VAL B 57 -30.45 -11.48 -12.62
CA VAL B 57 -31.02 -12.14 -13.81
C VAL B 57 -31.41 -11.12 -14.88
N LYS B 58 -31.84 -9.95 -14.43
CA LYS B 58 -32.32 -8.90 -15.34
C LYS B 58 -31.21 -7.96 -15.79
N SER B 59 -30.04 -8.05 -15.17
CA SER B 59 -28.97 -7.07 -15.41
C SER B 59 -27.64 -7.78 -15.62
N TYR B 60 -26.91 -8.06 -14.54
CA TYR B 60 -25.52 -8.57 -14.63
C TYR B 60 -25.39 -9.95 -15.28
N LEU B 61 -26.49 -10.68 -15.34
CA LEU B 61 -26.53 -12.00 -15.98
C LEU B 61 -27.23 -11.93 -17.34
N ASN B 62 -27.60 -10.72 -17.77
CA ASN B 62 -28.40 -10.51 -18.99
C ASN B 62 -27.42 -10.36 -20.16
N ILE B 63 -27.13 -11.47 -20.82
CA ILE B 63 -26.14 -11.47 -21.91
C ILE B 63 -26.48 -10.47 -23.03
N PRO B 64 -27.70 -10.53 -23.60
CA PRO B 64 -28.06 -9.54 -24.64
C PRO B 64 -27.87 -8.07 -24.25
N ALA B 65 -28.22 -7.71 -23.02
CA ALA B 65 -28.11 -6.32 -22.54
C ALA B 65 -26.66 -5.86 -22.44
N ILE B 66 -25.80 -6.74 -21.95
CA ILE B 66 -24.37 -6.44 -21.82
C ILE B 66 -23.72 -6.30 -23.20
N ILE B 67 -24.03 -7.24 -24.11
CA ILE B 67 -23.50 -7.19 -25.47
C ILE B 67 -23.98 -5.92 -26.17
N SER B 68 -25.26 -5.61 -25.98
CA SER B 68 -25.85 -4.40 -26.52
C SER B 68 -25.11 -3.14 -26.06
N ALA B 69 -24.83 -3.04 -24.76
CA ALA B 69 -24.10 -1.88 -24.22
C ALA B 69 -22.71 -1.76 -24.81
N ALA B 70 -22.03 -2.91 -24.95
CA ALA B 70 -20.70 -2.96 -25.53
C ALA B 70 -20.70 -2.50 -26.97
N GLU B 71 -21.75 -2.86 -27.70
CA GLU B 71 -21.94 -2.45 -29.10
C GLU B 71 -22.19 -0.95 -29.23
N ILE B 72 -23.16 -0.40 -28.49
CA ILE B 72 -23.54 1.02 -28.63
C ILE B 72 -22.43 1.97 -28.24
N THR B 73 -21.65 1.59 -27.21
CA THR B 73 -20.55 2.44 -26.74
C THR B 73 -19.25 2.30 -27.53
N GLY B 74 -19.19 1.38 -28.47
CA GLY B 74 -18.01 1.20 -29.30
C GLY B 74 -16.84 0.51 -28.60
N ALA B 75 -17.14 -0.24 -27.54
CA ALA B 75 -16.12 -0.98 -26.80
C ALA B 75 -15.50 -2.09 -27.66
N VAL B 76 -14.29 -2.53 -27.31
CA VAL B 76 -13.64 -3.62 -28.06
C VAL B 76 -13.47 -4.88 -27.22
N ALA B 77 -13.73 -4.77 -25.90
CA ALA B 77 -13.51 -5.90 -25.02
C ALA B 77 -14.41 -5.84 -23.80
N ILE B 78 -14.56 -7.00 -23.16
CA ILE B 78 -15.43 -7.14 -21.98
C ILE B 78 -14.67 -7.88 -20.88
N HIS B 79 -14.59 -7.27 -19.70
CA HIS B 79 -14.00 -7.94 -18.54
C HIS B 79 -15.11 -8.45 -17.63
N PRO B 80 -15.20 -9.78 -17.43
CA PRO B 80 -16.30 -10.33 -16.65
C PRO B 80 -16.07 -10.31 -15.14
N GLY B 81 -14.87 -9.96 -14.70
CA GLY B 81 -14.53 -9.97 -13.28
C GLY B 81 -14.54 -11.38 -12.71
N TYR B 82 -15.08 -11.53 -11.50
CA TYR B 82 -15.37 -12.84 -10.93
C TYR B 82 -16.87 -12.98 -10.65
N GLY B 83 -17.32 -14.21 -10.42
CA GLY B 83 -18.74 -14.49 -10.28
C GLY B 83 -19.48 -14.11 -11.56
N PHE B 84 -20.78 -13.87 -11.43
CA PHE B 84 -21.65 -13.50 -12.56
C PHE B 84 -21.42 -14.36 -13.81
N LEU B 85 -20.90 -13.79 -14.89
CA LEU B 85 -20.75 -14.54 -16.15
C LEU B 85 -19.32 -14.99 -16.45
N SER B 86 -18.42 -14.88 -15.45
CA SER B 86 -16.98 -15.06 -15.71
C SER B 86 -16.59 -16.51 -16.09
N GLU B 87 -17.37 -17.48 -15.65
CA GLU B 87 -17.13 -18.89 -16.00
C GLU B 87 -18.32 -19.47 -16.77
N ASN B 88 -19.06 -18.58 -17.43
CA ASN B 88 -20.12 -18.97 -18.35
C ASN B 88 -19.53 -19.07 -19.75
N ALA B 89 -19.28 -20.30 -20.20
CA ALA B 89 -18.66 -20.55 -21.48
C ALA B 89 -19.45 -20.02 -22.66
N ASN B 90 -20.78 -20.13 -22.58
CA ASN B 90 -21.65 -19.60 -23.63
C ASN B 90 -21.51 -18.08 -23.76
N PHE B 91 -21.34 -17.39 -22.63
CA PHE B 91 -21.09 -15.94 -22.65
C PHE B 91 -19.76 -15.64 -23.32
N ALA B 92 -18.68 -16.31 -22.89
CA ALA B 92 -17.36 -16.13 -23.51
C ALA B 92 -17.43 -16.31 -25.03
N GLU B 93 -18.10 -17.39 -25.46
CA GLU B 93 -18.28 -17.67 -26.88
C GLU B 93 -19.05 -16.58 -27.61
N GLN B 94 -20.15 -16.11 -27.02
CA GLN B 94 -20.94 -15.05 -27.64
C GLN B 94 -20.18 -13.72 -27.74
N VAL B 95 -19.41 -13.39 -26.71
CA VAL B 95 -18.61 -12.17 -26.73
C VAL B 95 -17.69 -12.16 -27.96
N GLU B 96 -17.00 -13.28 -28.18
CA GLU B 96 -16.08 -13.42 -29.31
C GLU B 96 -16.83 -13.47 -30.65
N ARG B 97 -17.95 -14.18 -30.69
CA ARG B 97 -18.75 -14.26 -31.91
C ARG B 97 -19.30 -12.89 -32.32
N SER B 98 -19.63 -12.08 -31.33
CA SER B 98 -20.10 -10.73 -31.56
C SER B 98 -18.96 -9.76 -31.90
N GLY B 99 -17.73 -10.27 -31.89
CA GLY B 99 -16.57 -9.55 -32.41
C GLY B 99 -15.75 -8.80 -31.36
N PHE B 100 -16.02 -9.08 -30.10
CA PHE B 100 -15.29 -8.48 -28.97
C PHE B 100 -14.19 -9.40 -28.44
N ILE B 101 -13.20 -8.80 -27.77
CA ILE B 101 -12.23 -9.56 -27.01
C ILE B 101 -12.85 -9.90 -25.66
N PHE B 102 -12.76 -11.17 -25.27
CA PHE B 102 -13.17 -11.62 -23.94
C PHE B 102 -11.92 -11.65 -23.06
N ILE B 103 -11.95 -10.91 -21.96
CA ILE B 103 -10.80 -10.83 -21.07
C ILE B 103 -10.87 -12.04 -20.15
N GLY B 104 -10.37 -13.15 -20.68
CA GLY B 104 -10.44 -14.43 -20.04
C GLY B 104 -9.98 -15.54 -21.00
N PRO B 105 -10.18 -16.80 -20.60
CA PRO B 105 -9.75 -17.90 -21.49
C PRO B 105 -10.69 -18.12 -22.66
N LYS B 106 -10.33 -19.07 -23.52
CA LYS B 106 -11.20 -19.51 -24.60
C LYS B 106 -12.39 -20.26 -24.01
N ALA B 107 -13.55 -20.10 -24.64
CA ALA B 107 -14.78 -20.70 -24.15
C ALA B 107 -14.65 -22.21 -23.93
N GLU B 108 -13.94 -22.90 -24.83
CA GLU B 108 -13.79 -24.35 -24.74
C GLU B 108 -12.94 -24.74 -23.53
N THR B 109 -12.02 -23.85 -23.14
CA THR B 109 -11.22 -24.05 -21.94
C THR B 109 -12.04 -23.89 -20.67
N ILE B 110 -13.01 -22.97 -20.71
CA ILE B 110 -13.92 -22.77 -19.58
C ILE B 110 -14.79 -24.02 -19.43
N ARG B 111 -15.29 -24.54 -20.55
CA ARG B 111 -16.07 -25.77 -20.54
C ARG B 111 -15.26 -26.94 -20.01
N LEU B 112 -14.04 -27.08 -20.52
CA LEU B 112 -13.17 -28.18 -20.14
C LEU B 112 -12.97 -28.22 -18.62
N MET B 113 -12.71 -27.06 -18.03
CA MET B 113 -12.39 -26.99 -16.61
C MET B 113 -13.63 -26.71 -15.76
N GLY B 114 -14.77 -26.52 -16.41
CA GLY B 114 -16.04 -26.25 -15.73
C GLY B 114 -16.83 -27.52 -15.46
N ASP B 115 -16.38 -28.62 -16.04
CA ASP B 115 -16.90 -29.93 -15.72
C ASP B 115 -15.81 -30.70 -15.01
N LYS B 116 -16.11 -31.19 -13.82
CA LYS B 116 -15.07 -31.73 -12.94
C LYS B 116 -14.48 -33.06 -13.44
N VAL B 117 -15.29 -33.89 -14.08
CA VAL B 117 -14.79 -35.14 -14.64
C VAL B 117 -13.81 -34.88 -15.79
N SER B 118 -14.13 -33.94 -16.68
CA SER B 118 -13.20 -33.58 -17.75
C SER B 118 -12.02 -32.78 -17.20
N ALA B 119 -12.27 -31.93 -16.21
CA ALA B 119 -11.20 -31.15 -15.56
C ALA B 119 -10.13 -32.06 -14.96
N ILE B 120 -10.56 -33.01 -14.14
CA ILE B 120 -9.66 -33.98 -13.50
C ILE B 120 -8.88 -34.79 -14.54
N ALA B 121 -9.57 -35.28 -15.56
CA ALA B 121 -8.92 -36.06 -16.63
C ALA B 121 -7.81 -35.27 -17.29
N ALA B 122 -8.07 -34.00 -17.59
CA ALA B 122 -7.08 -33.09 -18.17
C ALA B 122 -5.89 -32.87 -17.26
N MET B 123 -6.15 -32.66 -15.97
CA MET B 123 -5.09 -32.45 -14.98
C MET B 123 -4.25 -33.71 -14.80
N LYS B 124 -4.90 -34.85 -14.70
CA LYS B 124 -4.19 -36.14 -14.54
C LYS B 124 -3.26 -36.37 -15.73
N LYS B 125 -3.76 -36.12 -16.94
CA LYS B 125 -2.96 -36.20 -18.16
C LYS B 125 -1.77 -35.23 -18.16
N ALA B 126 -1.99 -34.03 -17.64
CA ALA B 126 -0.96 -32.98 -17.64
C ALA B 126 0.14 -33.21 -16.61
N GLY B 127 -0.12 -34.05 -15.61
CA GLY B 127 0.86 -34.33 -14.55
C GLY B 127 0.57 -33.59 -13.26
N VAL B 128 -0.59 -32.94 -13.19
CA VAL B 128 -1.04 -32.28 -11.96
C VAL B 128 -1.67 -33.31 -11.05
N PRO B 129 -1.22 -33.38 -9.78
CA PRO B 129 -1.70 -34.40 -8.86
C PRO B 129 -3.18 -34.24 -8.47
N CYS B 130 -3.92 -35.34 -8.54
CA CYS B 130 -5.35 -35.35 -8.23
C CYS B 130 -5.64 -36.30 -7.10
N VAL B 131 -6.84 -36.19 -6.53
CA VAL B 131 -7.26 -37.06 -5.44
C VAL B 131 -7.50 -38.46 -6.02
N PRO B 132 -6.81 -39.48 -5.48
CA PRO B 132 -7.10 -40.86 -5.91
C PRO B 132 -8.61 -41.13 -5.96
N GLY B 133 -9.14 -41.27 -7.18
CA GLY B 133 -10.58 -41.43 -7.41
C GLY B 133 -10.93 -42.33 -8.56
N SER B 134 -12.19 -42.26 -8.98
CA SER B 134 -12.72 -43.12 -10.05
C SER B 134 -12.18 -42.75 -11.44
N ASP B 135 -11.85 -41.46 -11.62
CA ASP B 135 -11.34 -40.94 -12.89
C ASP B 135 -12.34 -41.23 -14.02
N GLY B 136 -13.54 -40.71 -13.84
CA GLY B 136 -14.65 -40.94 -14.76
C GLY B 136 -15.98 -40.90 -14.03
N PRO B 137 -17.09 -40.90 -14.79
CA PRO B 137 -18.41 -40.86 -14.17
C PRO B 137 -18.76 -42.17 -13.44
N LEU B 138 -19.62 -42.08 -12.42
CA LEU B 138 -20.09 -43.27 -11.70
C LEU B 138 -21.35 -43.83 -12.36
N GLY B 139 -21.36 -45.14 -12.57
CA GLY B 139 -22.50 -45.81 -13.18
C GLY B 139 -23.43 -46.42 -12.14
N ASP B 140 -24.43 -47.17 -12.62
CA ASP B 140 -25.41 -47.82 -11.75
C ASP B 140 -24.99 -49.23 -11.35
N ASP B 141 -23.85 -49.70 -11.86
CA ASP B 141 -23.33 -51.01 -11.49
C ASP B 141 -22.74 -50.96 -10.08
N MET B 142 -23.27 -51.80 -9.20
CA MET B 142 -22.86 -51.83 -7.80
C MET B 142 -21.49 -52.49 -7.62
N ASP B 143 -21.17 -53.46 -8.48
CA ASP B 143 -19.90 -54.19 -8.41
C ASP B 143 -18.69 -53.31 -8.74
N LYS B 144 -18.83 -52.46 -9.76
CA LYS B 144 -17.74 -51.59 -10.20
C LYS B 144 -17.46 -50.45 -9.22
N ASN B 145 -18.53 -49.84 -8.69
CA ASN B 145 -18.39 -48.74 -7.73
C ASN B 145 -17.75 -49.19 -6.41
N ARG B 146 -18.01 -50.43 -6.03
CA ARG B 146 -17.46 -51.01 -4.81
C ARG B 146 -15.98 -51.38 -4.99
N ALA B 147 -15.62 -51.81 -6.21
CA ALA B 147 -14.22 -52.08 -6.56
C ALA B 147 -13.39 -50.79 -6.57
N ILE B 148 -14.01 -49.67 -6.91
CA ILE B 148 -13.36 -48.36 -6.86
C ILE B 148 -13.21 -47.90 -5.42
N ALA B 149 -14.23 -48.12 -4.60
CA ALA B 149 -14.21 -47.72 -3.19
C ALA B 149 -13.18 -48.50 -2.37
N LYS B 150 -13.02 -49.79 -2.69
CA LYS B 150 -12.06 -50.65 -2.01
C LYS B 150 -10.62 -50.37 -2.44
N ARG B 151 -10.43 -50.04 -3.71
CA ARG B 151 -9.11 -49.65 -4.23
C ARG B 151 -8.66 -48.33 -3.60
N ILE B 152 -9.59 -47.38 -3.48
CA ILE B 152 -9.31 -46.09 -2.86
C ILE B 152 -9.13 -46.23 -1.35
N GLY B 153 -10.11 -46.86 -0.69
CA GLY B 153 -10.11 -47.01 0.76
C GLY B 153 -11.01 -45.98 1.41
N TYR B 154 -11.53 -46.32 2.60
CA TYR B 154 -12.47 -45.43 3.30
C TYR B 154 -11.73 -44.42 4.19
N PRO B 155 -12.32 -43.23 4.37
CA PRO B 155 -13.60 -42.79 3.80
C PRO B 155 -13.48 -42.25 2.38
N VAL B 156 -14.63 -42.09 1.71
CA VAL B 156 -14.68 -41.54 0.35
C VAL B 156 -15.70 -40.41 0.28
N ILE B 157 -15.65 -39.63 -0.81
CA ILE B 157 -16.57 -38.50 -1.01
C ILE B 157 -17.15 -38.51 -2.42
N ILE B 158 -18.44 -38.22 -2.53
CA ILE B 158 -19.15 -38.18 -3.82
C ILE B 158 -19.41 -36.72 -4.19
N LYS B 159 -18.80 -36.26 -5.28
CA LYS B 159 -18.93 -34.87 -5.73
C LYS B 159 -19.65 -34.78 -7.08
N ALA B 160 -20.36 -33.68 -7.29
CA ALA B 160 -21.09 -33.43 -8.54
C ALA B 160 -20.13 -32.89 -9.61
N SER B 161 -20.22 -33.43 -10.82
CA SER B 161 -19.35 -33.04 -11.92
C SER B 161 -19.74 -31.69 -12.52
N GLY B 162 -21.04 -31.41 -12.56
CA GLY B 162 -21.57 -30.15 -13.12
C GLY B 162 -21.87 -29.07 -12.10
N GLY B 163 -21.33 -29.23 -10.88
CA GLY B 163 -21.54 -28.26 -9.81
C GLY B 163 -20.24 -27.85 -9.15
N GLY B 164 -20.28 -27.66 -7.83
CA GLY B 164 -19.11 -27.25 -7.06
C GLY B 164 -19.48 -26.42 -5.85
N GLY B 165 -18.75 -26.62 -4.74
CA GLY B 165 -18.98 -25.88 -3.51
C GLY B 165 -19.55 -26.75 -2.40
N GLY B 166 -20.86 -26.65 -2.20
CA GLY B 166 -21.56 -27.41 -1.15
C GLY B 166 -22.70 -28.29 -1.67
N ARG B 167 -23.43 -27.79 -2.66
CA ARG B 167 -24.59 -28.50 -3.20
C ARG B 167 -24.16 -29.78 -3.94
N GLY B 168 -24.77 -30.90 -3.58
CA GLY B 168 -24.47 -32.19 -4.20
C GLY B 168 -23.11 -32.72 -3.79
N MET B 169 -22.93 -32.92 -2.49
CA MET B 169 -21.67 -33.45 -1.95
C MET B 169 -21.91 -34.24 -0.67
N ARG B 170 -21.45 -35.48 -0.63
CA ARG B 170 -21.66 -36.36 0.52
C ARG B 170 -20.46 -37.27 0.79
N VAL B 171 -20.16 -37.46 2.07
CA VAL B 171 -19.06 -38.30 2.53
C VAL B 171 -19.61 -39.65 2.98
N VAL B 172 -18.93 -40.73 2.57
CA VAL B 172 -19.35 -42.10 2.92
C VAL B 172 -18.27 -42.77 3.75
N ARG B 173 -18.68 -43.41 4.85
CA ARG B 173 -17.75 -44.09 5.77
C ARG B 173 -18.04 -45.59 5.94
N GLY B 174 -18.97 -46.13 5.14
CA GLY B 174 -19.33 -47.55 5.21
C GLY B 174 -19.99 -48.06 3.93
N ASP B 175 -20.43 -49.32 3.97
CA ASP B 175 -21.11 -49.95 2.83
C ASP B 175 -22.63 -49.92 2.96
N ALA B 176 -23.14 -49.80 4.18
CA ALA B 176 -24.59 -49.73 4.44
C ALA B 176 -25.19 -48.42 3.95
N GLU B 177 -24.44 -47.32 4.09
CA GLU B 177 -24.88 -46.00 3.63
C GLU B 177 -24.34 -45.65 2.25
N LEU B 178 -23.66 -46.60 1.60
CA LEU B 178 -23.03 -46.37 0.31
C LEU B 178 -24.04 -46.26 -0.83
N ALA B 179 -25.09 -47.08 -0.79
CA ALA B 179 -26.10 -47.12 -1.85
C ALA B 179 -27.00 -45.88 -1.85
N GLN B 180 -27.40 -45.43 -0.66
CA GLN B 180 -28.28 -44.27 -0.52
C GLN B 180 -27.58 -42.94 -0.80
N SER B 181 -26.25 -42.92 -0.69
CA SER B 181 -25.45 -41.71 -0.90
C SER B 181 -25.35 -41.31 -2.38
N ILE B 182 -25.20 -42.31 -3.25
CA ILE B 182 -25.01 -42.04 -4.68
C ILE B 182 -26.34 -41.68 -5.34
N SER B 183 -27.43 -42.21 -4.80
CA SER B 183 -28.78 -41.92 -5.31
C SER B 183 -29.24 -40.50 -5.00
N MET B 184 -28.84 -39.96 -3.85
CA MET B 184 -29.22 -38.61 -3.43
C MET B 184 -28.34 -37.52 -4.05
N THR B 185 -27.04 -37.81 -4.21
CA THR B 185 -26.10 -36.87 -4.81
C THR B 185 -26.39 -36.67 -6.30
N ARG B 186 -26.84 -37.74 -6.96
CA ARG B 186 -27.25 -37.68 -8.36
C ARG B 186 -28.54 -36.86 -8.53
N ALA B 187 -29.44 -36.95 -7.54
CA ALA B 187 -30.70 -36.23 -7.58
C ALA B 187 -30.54 -34.74 -7.27
N GLU B 188 -29.75 -34.43 -6.24
CA GLU B 188 -29.51 -33.04 -5.83
C GLU B 188 -28.69 -32.25 -6.87
N ALA B 189 -27.80 -32.93 -7.57
CA ALA B 189 -27.01 -32.32 -8.65
C ALA B 189 -27.89 -31.99 -9.87
N LYS B 190 -28.87 -32.85 -10.13
CA LYS B 190 -29.82 -32.64 -11.22
C LYS B 190 -30.85 -31.55 -10.86
N ALA B 191 -31.20 -31.45 -9.58
CA ALA B 191 -32.17 -30.45 -9.12
C ALA B 191 -31.60 -29.04 -9.16
N ALA B 192 -30.31 -28.90 -8.86
CA ALA B 192 -29.66 -27.58 -8.81
C ALA B 192 -28.94 -27.25 -10.11
N PHE B 193 -28.03 -28.14 -10.54
CA PHE B 193 -27.17 -27.88 -11.69
C PHE B 193 -27.63 -28.56 -12.99
N SER B 194 -28.78 -29.26 -12.94
CA SER B 194 -29.34 -29.97 -14.09
C SER B 194 -28.52 -31.14 -14.63
N ASN B 195 -27.26 -31.25 -14.20
CA ASN B 195 -26.36 -32.32 -14.61
C ASN B 195 -26.32 -33.40 -13.53
N ASP B 196 -26.65 -34.63 -13.90
CA ASP B 196 -26.76 -35.73 -12.93
C ASP B 196 -25.43 -36.50 -12.70
N MET B 197 -24.37 -36.09 -13.39
CA MET B 197 -23.09 -36.79 -13.30
C MET B 197 -22.44 -36.60 -11.94
N VAL B 198 -21.92 -37.70 -11.38
CA VAL B 198 -21.19 -37.68 -10.11
C VAL B 198 -19.92 -38.53 -10.22
N TYR B 199 -18.99 -38.32 -9.29
CA TYR B 199 -17.74 -39.10 -9.25
C TYR B 199 -17.27 -39.32 -7.82
N MET B 200 -16.46 -40.36 -7.62
CA MET B 200 -15.96 -40.74 -6.31
C MET B 200 -14.45 -40.52 -6.23
N GLU B 201 -14.02 -39.79 -5.21
CA GLU B 201 -12.60 -39.66 -4.88
C GLU B 201 -12.40 -39.82 -3.36
N LYS B 202 -11.14 -39.95 -2.94
CA LYS B 202 -10.80 -40.16 -1.54
C LYS B 202 -11.12 -38.92 -0.70
N TYR B 203 -11.60 -39.14 0.52
CA TYR B 203 -11.87 -38.04 1.46
C TYR B 203 -10.65 -37.80 2.32
N LEU B 204 -10.11 -36.58 2.23
CA LEU B 204 -8.98 -36.16 3.06
C LEU B 204 -9.56 -35.50 4.30
N GLU B 205 -9.20 -36.02 5.47
CA GLU B 205 -9.85 -35.66 6.74
C GLU B 205 -9.58 -34.22 7.17
N ASN B 206 -8.31 -33.83 7.14
CA ASN B 206 -7.88 -32.54 7.68
C ASN B 206 -6.87 -31.84 6.77
N PRO B 207 -7.31 -31.45 5.55
CA PRO B 207 -6.43 -30.75 4.62
C PRO B 207 -6.48 -29.22 4.79
N ARG B 208 -5.50 -28.55 4.19
CA ARG B 208 -5.54 -27.09 4.03
C ARG B 208 -5.95 -26.79 2.59
N HIS B 209 -6.54 -25.62 2.36
CA HIS B 209 -6.82 -25.15 1.01
C HIS B 209 -5.62 -24.30 0.56
N VAL B 210 -4.85 -24.83 -0.38
CA VAL B 210 -3.72 -24.09 -0.96
C VAL B 210 -3.90 -24.00 -2.47
N GLU B 211 -3.79 -22.80 -3.02
CA GLU B 211 -4.08 -22.58 -4.43
C GLU B 211 -2.95 -21.85 -5.13
N ILE B 212 -2.75 -22.14 -6.42
CA ILE B 212 -1.63 -21.59 -7.20
C ILE B 212 -2.15 -20.61 -8.24
N GLN B 213 -1.63 -19.38 -8.21
CA GLN B 213 -1.96 -18.38 -9.21
C GLN B 213 -1.13 -18.61 -10.44
N VAL B 214 -1.74 -18.54 -11.62
CA VAL B 214 -1.01 -18.60 -12.87
C VAL B 214 -1.40 -17.45 -13.79
N LEU B 215 -0.54 -17.19 -14.77
CA LEU B 215 -0.78 -16.26 -15.84
C LEU B 215 -0.24 -16.91 -17.11
N ALA B 216 -1.04 -16.90 -18.16
CA ALA B 216 -0.66 -17.49 -19.44
C ALA B 216 -1.14 -16.58 -20.57
N ASP B 217 -0.31 -16.40 -21.59
CA ASP B 217 -0.67 -15.47 -22.68
C ASP B 217 -1.48 -16.11 -23.81
N GLY B 218 -1.64 -17.43 -23.76
CA GLY B 218 -2.30 -18.16 -24.85
C GLY B 218 -1.41 -18.27 -26.07
N GLN B 219 -0.13 -17.97 -25.91
CA GLN B 219 0.85 -18.05 -26.99
C GLN B 219 1.97 -19.03 -26.65
N GLY B 220 1.74 -19.84 -25.61
CA GLY B 220 2.68 -20.89 -25.22
C GLY B 220 3.46 -20.60 -23.96
N ASN B 221 3.35 -19.38 -23.44
CA ASN B 221 4.07 -19.00 -22.24
C ASN B 221 3.13 -19.01 -21.04
N ALA B 222 3.63 -19.50 -19.92
CA ALA B 222 2.82 -19.61 -18.71
C ALA B 222 3.74 -19.59 -17.49
N ILE B 223 3.37 -18.76 -16.51
CA ILE B 223 4.11 -18.64 -15.27
C ILE B 223 3.22 -18.86 -14.05
N TYR B 224 3.82 -19.29 -12.95
CA TYR B 224 3.13 -19.40 -11.67
C TYR B 224 3.63 -18.30 -10.73
N LEU B 225 2.73 -17.73 -9.95
CA LEU B 225 3.06 -16.64 -9.03
C LEU B 225 2.75 -17.08 -7.62
N ALA B 226 3.49 -18.10 -7.18
CA ALA B 226 3.41 -18.65 -5.83
C ALA B 226 2.00 -19.14 -5.47
N GLU B 227 1.72 -19.25 -4.17
CA GLU B 227 0.48 -19.83 -3.70
C GLU B 227 -0.23 -18.92 -2.68
N ARG B 228 -1.47 -19.28 -2.39
CA ARG B 228 -2.25 -18.68 -1.32
C ARG B 228 -2.88 -19.78 -0.48
N ASP B 229 -2.93 -19.56 0.84
CA ASP B 229 -3.68 -20.43 1.74
C ASP B 229 -5.01 -19.76 2.05
N CYS B 230 -6.12 -20.47 1.80
CA CYS B 230 -7.47 -19.95 2.04
C CYS B 230 -8.30 -20.94 2.86
N SER B 231 -7.67 -21.53 3.87
CA SER B 231 -8.28 -22.56 4.69
C SER B 231 -9.35 -22.04 5.64
N MET B 232 -9.27 -20.76 6.00
CA MET B 232 -10.24 -20.15 6.91
C MET B 232 -11.57 -19.96 6.16
N GLN B 233 -12.56 -20.82 6.45
CA GLN B 233 -13.83 -20.84 5.71
C GLN B 233 -15.07 -20.99 6.61
N ARG B 234 -16.22 -20.55 6.12
CA ARG B 234 -17.51 -20.83 6.75
C ARG B 234 -18.46 -21.21 5.63
N ARG B 235 -19.10 -22.37 5.74
CA ARG B 235 -19.94 -22.92 4.68
C ARG B 235 -19.23 -22.90 3.32
N HIS B 236 -17.98 -23.38 3.33
CA HIS B 236 -17.15 -23.51 2.11
C HIS B 236 -16.79 -22.18 1.42
N GLN B 237 -17.03 -21.07 2.11
CA GLN B 237 -16.74 -19.72 1.61
C GLN B 237 -15.52 -19.18 2.36
N LYS B 238 -14.54 -18.69 1.61
CA LYS B 238 -13.28 -18.18 2.18
C LYS B 238 -13.52 -16.91 2.96
N VAL B 239 -12.89 -16.80 4.12
CA VAL B 239 -13.02 -15.64 5.01
C VAL B 239 -11.70 -14.87 5.14
N VAL B 240 -10.60 -15.60 5.27
CA VAL B 240 -9.26 -15.02 5.28
C VAL B 240 -8.40 -15.75 4.26
N GLU B 241 -7.56 -15.00 3.56
CA GLU B 241 -6.57 -15.61 2.66
C GLU B 241 -5.21 -14.98 2.90
N GLU B 242 -4.15 -15.76 2.68
CA GLU B 242 -2.79 -15.23 2.82
C GLU B 242 -1.84 -15.80 1.79
N ALA B 243 -0.73 -15.10 1.60
CA ALA B 243 0.33 -15.53 0.71
C ALA B 243 1.69 -15.08 1.26
N PRO B 244 2.72 -15.92 1.15
CA PRO B 244 2.67 -17.33 0.73
C PRO B 244 1.96 -18.18 1.80
N ALA B 245 1.78 -19.47 1.52
CA ALA B 245 1.15 -20.37 2.48
C ALA B 245 2.17 -20.81 3.53
N PRO B 246 1.86 -20.64 4.84
CA PRO B 246 2.81 -21.08 5.87
C PRO B 246 3.26 -22.53 5.70
N GLY B 247 4.54 -22.81 5.94
CA GLY B 247 5.05 -24.17 5.85
C GLY B 247 5.49 -24.62 4.47
N ILE B 248 4.95 -24.01 3.41
CA ILE B 248 5.32 -24.37 2.03
C ILE B 248 6.76 -23.92 1.75
N THR B 249 7.61 -24.88 1.41
CA THR B 249 9.02 -24.60 1.12
C THR B 249 9.20 -24.16 -0.33
N PRO B 250 10.29 -23.43 -0.63
CA PRO B 250 10.61 -23.09 -2.01
C PRO B 250 10.65 -24.28 -2.96
N GLU B 251 11.08 -25.44 -2.46
CA GLU B 251 11.16 -26.66 -3.28
C GLU B 251 9.78 -27.20 -3.60
N LEU B 252 8.89 -27.18 -2.60
CA LEU B 252 7.51 -27.62 -2.78
C LEU B 252 6.74 -26.63 -3.66
N ARG B 253 7.06 -25.34 -3.52
CA ARG B 253 6.45 -24.28 -4.33
C ARG B 253 6.72 -24.51 -5.81
N ARG B 254 7.99 -24.75 -6.16
CA ARG B 254 8.37 -24.93 -7.56
C ARG B 254 7.88 -26.26 -8.10
N TYR B 255 7.80 -27.28 -7.25
CA TYR B 255 7.23 -28.57 -7.65
C TYR B 255 5.81 -28.41 -8.18
N ILE B 256 4.92 -27.89 -7.34
CA ILE B 256 3.52 -27.73 -7.73
C ILE B 256 3.33 -26.60 -8.75
N GLY B 257 4.14 -25.55 -8.63
CA GLY B 257 4.09 -24.40 -9.54
C GLY B 257 4.45 -24.77 -10.97
N GLU B 258 5.50 -25.58 -11.12
CA GLU B 258 5.91 -26.03 -12.45
C GLU B 258 4.85 -26.93 -13.08
N ARG B 259 4.20 -27.76 -12.28
CA ARG B 259 3.17 -28.65 -12.79
C ARG B 259 1.94 -27.87 -13.23
N CYS B 260 1.63 -26.80 -12.52
CA CYS B 260 0.52 -25.92 -12.89
C CYS B 260 0.82 -25.14 -14.18
N ALA B 261 2.04 -24.62 -14.29
CA ALA B 261 2.44 -23.89 -15.49
C ALA B 261 2.41 -24.81 -16.72
N LYS B 262 2.89 -26.04 -16.55
CA LYS B 262 2.82 -27.04 -17.62
C LYS B 262 1.38 -27.32 -18.04
N ALA B 263 0.50 -27.51 -17.06
CA ALA B 263 -0.92 -27.75 -17.33
C ALA B 263 -1.55 -26.63 -18.18
N CYS B 264 -1.18 -25.38 -17.89
CA CYS B 264 -1.63 -24.22 -18.70
C CYS B 264 -1.26 -24.35 -20.18
N VAL B 265 -0.03 -24.77 -20.43
CA VAL B 265 0.43 -24.97 -21.80
C VAL B 265 -0.35 -26.10 -22.45
N ASP B 266 -0.52 -27.19 -21.71
CA ASP B 266 -1.22 -28.38 -22.22
C ASP B 266 -2.69 -28.12 -22.58
N ILE B 267 -3.37 -27.26 -21.82
CA ILE B 267 -4.78 -26.95 -22.10
C ILE B 267 -4.99 -25.66 -22.91
N GLY B 268 -3.90 -25.01 -23.30
CA GLY B 268 -3.97 -23.80 -24.12
C GLY B 268 -4.53 -22.61 -23.34
N TYR B 269 -4.26 -22.58 -22.03
CA TYR B 269 -4.88 -21.59 -21.16
C TYR B 269 -4.47 -20.17 -21.57
N ARG B 270 -5.42 -19.25 -21.43
CA ARG B 270 -5.18 -17.85 -21.74
C ARG B 270 -5.73 -16.96 -20.62
N GLY B 271 -4.84 -16.15 -20.05
CA GLY B 271 -5.16 -15.16 -19.05
C GLY B 271 -4.77 -15.60 -17.65
N ALA B 272 -5.40 -14.96 -16.67
CA ALA B 272 -5.23 -15.31 -15.26
C ALA B 272 -6.11 -16.50 -14.92
N GLY B 273 -5.60 -17.37 -14.05
CA GLY B 273 -6.36 -18.50 -13.55
C GLY B 273 -5.75 -18.99 -12.25
N THR B 274 -6.48 -19.82 -11.53
CA THR B 274 -6.01 -20.41 -10.26
C THR B 274 -6.27 -21.90 -10.23
N PHE B 275 -5.27 -22.67 -9.79
CA PHE B 275 -5.43 -24.09 -9.51
C PHE B 275 -5.61 -24.28 -8.01
N GLU B 276 -6.76 -24.80 -7.61
CA GLU B 276 -7.07 -25.00 -6.19
C GLU B 276 -6.76 -26.44 -5.81
N PHE B 277 -6.10 -26.60 -4.66
CA PHE B 277 -5.68 -27.89 -4.16
C PHE B 277 -6.08 -28.02 -2.70
N LEU B 278 -6.31 -29.27 -2.29
CA LEU B 278 -6.27 -29.62 -0.89
C LEU B 278 -4.84 -30.07 -0.61
N PHE B 279 -4.31 -29.69 0.55
CA PHE B 279 -2.94 -29.97 0.91
C PHE B 279 -2.93 -30.70 2.25
N GLU B 280 -2.32 -31.88 2.28
CA GLU B 280 -2.31 -32.70 3.49
C GLU B 280 -1.12 -33.64 3.45
N ASN B 281 -0.43 -33.74 4.59
CA ASN B 281 0.75 -34.59 4.70
C ASN B 281 1.77 -34.32 3.60
N GLY B 282 2.00 -33.04 3.31
CA GLY B 282 3.03 -32.64 2.34
C GLY B 282 2.69 -32.90 0.88
N GLU B 283 1.43 -33.24 0.59
CA GLU B 283 1.01 -33.61 -0.76
C GLU B 283 -0.16 -32.74 -1.24
N PHE B 284 -0.12 -32.37 -2.52
CA PHE B 284 -1.20 -31.60 -3.16
C PHE B 284 -2.21 -32.52 -3.85
N TYR B 285 -3.48 -32.13 -3.79
CA TYR B 285 -4.56 -32.87 -4.47
C TYR B 285 -5.50 -31.87 -5.16
N PHE B 286 -5.46 -31.85 -6.49
CA PHE B 286 -6.27 -30.92 -7.29
C PHE B 286 -7.76 -31.09 -7.05
N ILE B 287 -8.47 -29.98 -6.91
CA ILE B 287 -9.93 -30.02 -6.76
C ILE B 287 -10.66 -29.21 -7.84
N GLU B 288 -10.17 -28.02 -8.15
CA GLU B 288 -10.76 -27.24 -9.24
C GLU B 288 -9.83 -26.14 -9.75
N MET B 289 -10.06 -25.73 -11.02
CA MET B 289 -9.38 -24.59 -11.59
C MET B 289 -10.42 -23.48 -11.83
N ASN B 290 -10.17 -22.33 -11.23
CA ASN B 290 -11.00 -21.16 -11.46
C ASN B 290 -10.43 -20.47 -12.67
N THR B 291 -11.22 -20.41 -13.75
CA THR B 291 -10.73 -19.92 -15.03
C THR B 291 -11.05 -18.44 -15.19
N ARG B 292 -10.51 -17.66 -14.26
CA ARG B 292 -10.84 -16.25 -14.09
C ARG B 292 -9.97 -15.68 -12.98
N ILE B 293 -10.02 -14.35 -12.79
CA ILE B 293 -9.43 -13.74 -11.60
C ILE B 293 -10.26 -14.15 -10.38
N GLN B 294 -9.64 -14.16 -9.18
CA GLN B 294 -10.35 -14.48 -7.94
C GLN B 294 -10.37 -13.28 -7.02
N VAL B 295 -11.35 -13.26 -6.11
CA VAL B 295 -11.44 -12.29 -5.03
C VAL B 295 -10.07 -11.98 -4.40
N GLU B 296 -9.37 -13.05 -4.01
CA GLU B 296 -8.18 -12.93 -3.18
C GLU B 296 -6.87 -12.65 -3.93
N HIS B 297 -6.95 -12.28 -5.21
CA HIS B 297 -5.75 -11.97 -6.01
C HIS B 297 -4.81 -10.91 -5.37
N PRO B 298 -5.36 -9.93 -4.63
CA PRO B 298 -4.44 -8.94 -4.08
C PRO B 298 -3.28 -9.44 -3.21
N VAL B 299 -3.46 -10.52 -2.43
CA VAL B 299 -2.34 -10.98 -1.57
C VAL B 299 -1.15 -11.44 -2.41
N THR B 300 -1.41 -12.05 -3.56
CA THR B 300 -0.35 -12.46 -4.49
C THR B 300 0.36 -11.27 -5.12
N GLU B 301 -0.40 -10.23 -5.46
CA GLU B 301 0.19 -9.00 -5.99
C GLU B 301 1.15 -8.36 -4.98
N MET B 302 0.78 -8.38 -3.71
CA MET B 302 1.61 -7.76 -2.65
C MET B 302 2.97 -8.42 -2.54
N ILE B 303 3.00 -9.76 -2.57
CA ILE B 303 4.25 -10.50 -2.37
C ILE B 303 5.10 -10.71 -3.63
N THR B 304 4.53 -10.42 -4.81
CA THR B 304 5.25 -10.57 -6.07
C THR B 304 5.48 -9.25 -6.81
N GLY B 305 4.70 -8.21 -6.49
CA GLY B 305 4.75 -6.95 -7.24
C GLY B 305 4.03 -6.94 -8.58
N VAL B 306 3.44 -8.08 -8.96
CA VAL B 306 2.77 -8.18 -10.26
C VAL B 306 1.31 -7.70 -10.14
N ASP B 307 0.92 -6.80 -11.05
CA ASP B 307 -0.46 -6.31 -11.12
C ASP B 307 -1.25 -7.27 -12.01
N LEU B 308 -2.02 -8.14 -11.38
CA LEU B 308 -2.65 -9.25 -12.10
C LEU B 308 -3.74 -8.78 -13.06
N ILE B 309 -4.44 -7.70 -12.70
CA ILE B 309 -5.50 -7.16 -13.57
C ILE B 309 -4.87 -6.51 -14.81
N LYS B 310 -3.84 -5.69 -14.61
CA LYS B 310 -3.13 -5.14 -15.74
C LYS B 310 -2.58 -6.22 -16.66
N GLU B 311 -2.08 -7.31 -16.10
CA GLU B 311 -1.59 -8.42 -16.92
C GLU B 311 -2.70 -9.07 -17.74
N GLN B 312 -3.89 -9.25 -17.14
CA GLN B 312 -5.06 -9.77 -17.85
C GLN B 312 -5.33 -8.90 -19.07
N LEU B 313 -5.24 -7.59 -18.87
CA LEU B 313 -5.58 -6.63 -19.91
C LEU B 313 -4.51 -6.65 -21.01
N ARG B 314 -3.24 -6.76 -20.63
CA ARG B 314 -2.13 -6.88 -21.60
C ARG B 314 -2.22 -8.15 -22.43
N ILE B 315 -2.51 -9.27 -21.78
CA ILE B 315 -2.75 -10.55 -22.45
C ILE B 315 -3.90 -10.44 -23.44
N ALA B 316 -5.00 -9.83 -23.00
CA ALA B 316 -6.18 -9.65 -23.85
C ALA B 316 -5.88 -8.80 -25.09
N ALA B 317 -4.99 -7.82 -24.94
CA ALA B 317 -4.54 -6.98 -26.06
C ALA B 317 -3.57 -7.74 -26.99
N GLY B 318 -3.28 -9.01 -26.67
CA GLY B 318 -2.44 -9.86 -27.52
C GLY B 318 -0.96 -9.79 -27.24
N GLN B 319 -0.59 -9.15 -26.13
CA GLN B 319 0.82 -9.05 -25.76
C GLN B 319 1.30 -10.35 -25.13
N PRO B 320 2.45 -10.88 -25.57
CA PRO B 320 2.99 -12.02 -24.84
C PRO B 320 3.45 -11.66 -23.42
N LEU B 321 3.55 -12.67 -22.56
CA LEU B 321 4.10 -12.46 -21.23
C LEU B 321 5.51 -11.88 -21.38
N SER B 322 5.76 -10.77 -20.68
CA SER B 322 7.09 -10.19 -20.58
C SER B 322 7.78 -10.70 -19.32
N ILE B 323 6.99 -11.17 -18.37
CA ILE B 323 7.51 -11.65 -17.10
C ILE B 323 7.91 -13.11 -17.25
N LYS B 324 9.20 -13.39 -17.07
CA LYS B 324 9.73 -14.75 -17.09
C LYS B 324 9.64 -15.33 -15.69
N GLN B 325 9.58 -16.66 -15.60
CA GLN B 325 9.45 -17.34 -14.32
C GLN B 325 10.60 -16.98 -13.38
N GLU B 326 11.79 -16.81 -13.95
CA GLU B 326 13.00 -16.42 -13.20
C GLU B 326 12.91 -15.03 -12.56
N GLU B 327 12.04 -14.17 -13.09
CA GLU B 327 11.83 -12.82 -12.56
C GLU B 327 10.74 -12.76 -11.47
N VAL B 328 10.06 -13.88 -11.22
CA VAL B 328 9.03 -13.93 -10.19
C VAL B 328 9.67 -14.30 -8.86
N HIS B 329 9.58 -13.42 -7.86
CA HIS B 329 10.13 -13.68 -6.53
C HIS B 329 9.10 -13.41 -5.43
N VAL B 330 8.99 -14.34 -4.49
CA VAL B 330 8.17 -14.15 -3.30
C VAL B 330 8.96 -13.30 -2.32
N ARG B 331 8.38 -12.19 -1.90
CA ARG B 331 9.00 -11.32 -0.90
C ARG B 331 7.94 -10.90 0.11
N GLY B 332 8.24 -11.09 1.39
CA GLY B 332 7.32 -10.71 2.45
C GLY B 332 6.10 -11.61 2.53
N HIS B 333 5.04 -11.08 3.14
CA HIS B 333 3.85 -11.85 3.43
C HIS B 333 2.64 -10.92 3.41
N ALA B 334 1.49 -11.43 2.95
CA ALA B 334 0.27 -10.64 2.97
C ALA B 334 -0.95 -11.45 3.43
N VAL B 335 -1.84 -10.76 4.15
CA VAL B 335 -3.08 -11.34 4.64
C VAL B 335 -4.24 -10.49 4.13
N GLU B 336 -5.32 -11.16 3.70
CA GLU B 336 -6.57 -10.50 3.31
C GLU B 336 -7.73 -10.94 4.21
N CYS B 337 -8.44 -9.94 4.74
CA CYS B 337 -9.67 -10.16 5.46
C CYS B 337 -10.81 -9.66 4.60
N ARG B 338 -11.74 -10.54 4.25
CA ARG B 338 -12.93 -10.13 3.53
C ARG B 338 -13.85 -9.37 4.49
N ILE B 339 -14.39 -8.24 4.03
CA ILE B 339 -15.33 -7.45 4.82
C ILE B 339 -16.72 -7.64 4.21
N ASN B 340 -17.61 -8.23 5.00
CA ASN B 340 -18.97 -8.57 4.56
C ASN B 340 -20.04 -7.87 5.37
N ALA B 341 -21.12 -7.45 4.70
CA ALA B 341 -22.25 -6.79 5.34
C ALA B 341 -23.20 -7.85 5.86
N GLU B 342 -22.90 -8.34 7.07
CA GLU B 342 -23.61 -9.43 7.70
C GLU B 342 -23.30 -9.38 9.19
N ASP B 343 -24.19 -9.91 10.01
CA ASP B 343 -23.98 -9.94 11.45
C ASP B 343 -22.76 -10.80 11.77
N PRO B 344 -21.88 -10.30 12.65
CA PRO B 344 -20.64 -11.05 12.93
C PRO B 344 -20.82 -12.35 13.74
N ASN B 345 -22.01 -12.58 14.30
CA ASN B 345 -22.32 -13.80 15.03
C ASN B 345 -23.38 -14.70 14.35
N THR B 346 -24.44 -14.10 13.80
CA THR B 346 -25.49 -14.87 13.11
C THR B 346 -25.34 -14.92 11.59
N PHE B 347 -24.55 -14.00 11.03
CA PHE B 347 -24.37 -13.87 9.57
C PHE B 347 -25.67 -13.59 8.79
N LEU B 348 -26.68 -13.05 9.47
CA LEU B 348 -27.83 -12.49 8.77
C LEU B 348 -27.32 -11.33 7.90
N PRO B 349 -27.67 -11.31 6.61
CA PRO B 349 -27.24 -10.22 5.74
C PRO B 349 -27.67 -8.85 6.26
N SER B 350 -26.82 -7.85 6.08
CA SER B 350 -27.08 -6.52 6.61
C SER B 350 -26.93 -5.49 5.50
N PRO B 351 -27.86 -5.50 4.54
CA PRO B 351 -27.90 -4.40 3.58
C PRO B 351 -28.36 -3.12 4.28
N GLY B 352 -28.12 -1.98 3.64
CA GLY B 352 -28.58 -0.69 4.12
C GLY B 352 -27.55 0.41 3.98
N LYS B 353 -27.93 1.58 4.51
CA LYS B 353 -27.14 2.79 4.36
C LYS B 353 -26.00 2.87 5.37
N ILE B 354 -24.80 3.08 4.83
CA ILE B 354 -23.61 3.35 5.62
C ILE B 354 -23.61 4.82 6.02
N THR B 355 -23.75 5.09 7.32
CA THR B 355 -23.92 6.44 7.83
C THR B 355 -22.59 7.09 8.21
N ARG B 356 -21.59 6.26 8.47
CA ARG B 356 -20.24 6.73 8.75
C ARG B 356 -19.24 5.72 8.22
N PHE B 357 -18.19 6.22 7.58
CA PHE B 357 -17.17 5.36 7.02
C PHE B 357 -15.81 6.02 7.14
N HIS B 358 -14.84 5.23 7.57
CA HIS B 358 -13.48 5.65 7.58
C HIS B 358 -12.58 4.46 7.30
N ALA B 359 -11.73 4.60 6.29
CA ALA B 359 -10.82 3.54 5.88
C ALA B 359 -9.50 3.59 6.66
N PRO B 360 -8.91 2.41 6.92
CA PRO B 360 -7.63 2.36 7.57
C PRO B 360 -6.52 2.76 6.60
N GLY B 361 -5.43 3.29 7.13
CA GLY B 361 -4.29 3.69 6.32
C GLY B 361 -2.98 3.18 6.90
N GLY B 362 -1.86 3.61 6.34
CA GLY B 362 -0.55 3.28 6.88
C GLY B 362 0.28 2.41 5.95
N PHE B 363 1.54 2.24 6.32
CA PHE B 363 2.51 1.45 5.55
C PHE B 363 2.05 -0.02 5.47
N GLY B 364 1.98 -0.54 4.24
CA GLY B 364 1.59 -1.93 4.02
C GLY B 364 0.11 -2.25 4.10
N VAL B 365 -0.73 -1.22 4.19
CA VAL B 365 -2.19 -1.38 4.31
C VAL B 365 -2.83 -1.05 2.96
N ARG B 366 -3.58 -2.01 2.41
CA ARG B 366 -4.24 -1.81 1.13
C ARG B 366 -5.73 -2.05 1.33
N TRP B 367 -6.53 -1.09 0.90
CA TRP B 367 -7.98 -1.16 1.08
C TRP B 367 -8.64 -1.22 -0.29
N GLU B 368 -9.44 -2.27 -0.50
CA GLU B 368 -10.12 -2.51 -1.77
C GLU B 368 -11.63 -2.54 -1.53
N SER B 369 -12.30 -1.43 -1.83
CA SER B 369 -13.75 -1.32 -1.63
C SER B 369 -14.33 -0.12 -2.36
N HIS B 370 -15.55 -0.33 -2.84
CA HIS B 370 -16.38 0.72 -3.40
C HIS B 370 -17.19 1.50 -2.37
N ILE B 371 -17.17 1.10 -1.09
CA ILE B 371 -18.05 1.74 -0.13
C ILE B 371 -17.59 3.15 0.24
N TYR B 372 -18.55 3.95 0.67
CA TYR B 372 -18.32 5.32 1.11
C TYR B 372 -19.46 5.76 2.02
N ALA B 373 -19.23 6.80 2.81
CA ALA B 373 -20.25 7.35 3.69
C ALA B 373 -21.44 7.87 2.88
N GLY B 374 -22.64 7.40 3.21
CA GLY B 374 -23.84 7.75 2.46
C GLY B 374 -24.27 6.71 1.44
N TYR B 375 -23.41 5.74 1.17
CA TYR B 375 -23.69 4.67 0.21
C TYR B 375 -24.62 3.62 0.84
N THR B 376 -25.60 3.16 0.06
CA THR B 376 -26.48 2.06 0.48
C THR B 376 -26.04 0.74 -0.14
N VAL B 377 -25.69 -0.19 0.72
CA VAL B 377 -25.44 -1.58 0.31
C VAL B 377 -26.82 -2.17 -0.01
N PRO B 378 -27.05 -2.53 -1.29
CA PRO B 378 -28.38 -3.03 -1.65
C PRO B 378 -28.57 -4.49 -1.27
N PRO B 379 -29.83 -4.90 -1.04
CA PRO B 379 -30.15 -6.28 -0.68
C PRO B 379 -29.98 -7.35 -1.79
N TYR B 380 -29.77 -6.93 -3.03
CA TYR B 380 -29.87 -7.84 -4.19
C TYR B 380 -28.63 -8.70 -4.48
N TYR B 381 -27.48 -8.31 -3.93
CA TYR B 381 -26.19 -8.90 -4.33
C TYR B 381 -25.46 -9.60 -3.17
N ASP B 382 -24.20 -9.98 -3.41
CA ASP B 382 -23.34 -10.70 -2.47
C ASP B 382 -23.05 -9.87 -1.20
N SER B 383 -22.73 -10.54 -0.09
CA SER B 383 -22.48 -9.82 1.17
C SER B 383 -21.14 -9.07 1.19
N MET B 384 -20.19 -9.44 0.33
CA MET B 384 -18.85 -8.88 0.42
C MET B 384 -18.83 -7.45 -0.11
N ILE B 385 -18.44 -6.53 0.76
CA ILE B 385 -18.44 -5.10 0.42
C ILE B 385 -17.02 -4.49 0.33
N GLY B 386 -16.02 -5.22 0.81
CA GLY B 386 -14.64 -4.72 0.79
C GLY B 386 -13.65 -5.81 1.16
N LYS B 387 -12.37 -5.52 0.93
CA LYS B 387 -11.27 -6.40 1.28
C LYS B 387 -10.16 -5.55 1.87
N LEU B 388 -9.67 -5.96 3.03
CA LEU B 388 -8.57 -5.32 3.69
C LEU B 388 -7.36 -6.24 3.55
N ILE B 389 -6.27 -5.71 2.97
CA ILE B 389 -5.08 -6.50 2.69
C ILE B 389 -3.91 -5.81 3.35
N CYS B 390 -3.17 -6.54 4.18
CA CYS B 390 -2.02 -5.98 4.88
C CYS B 390 -0.77 -6.79 4.55
N TYR B 391 0.31 -6.08 4.27
CA TYR B 391 1.58 -6.67 3.85
C TYR B 391 2.65 -6.35 4.89
N GLY B 392 3.56 -7.29 5.08
CA GLY B 392 4.72 -7.07 5.92
C GLY B 392 5.92 -7.84 5.42
N GLU B 393 7.10 -7.52 5.94
CA GLU B 393 8.31 -8.25 5.53
C GLU B 393 8.28 -9.69 6.04
N ASN B 394 7.44 -9.96 7.03
CA ASN B 394 7.15 -11.32 7.46
C ASN B 394 5.68 -11.44 7.87
N ARG B 395 5.23 -12.67 8.08
CA ARG B 395 3.85 -12.95 8.43
C ARG B 395 3.41 -12.24 9.71
N ASP B 396 4.28 -12.23 10.73
CA ASP B 396 3.94 -11.57 11.99
C ASP B 396 3.65 -10.07 11.84
N VAL B 397 4.44 -9.40 11.02
CA VAL B 397 4.23 -7.97 10.72
C VAL B 397 2.90 -7.75 10.00
N ALA B 398 2.64 -8.56 8.96
CA ALA B 398 1.36 -8.50 8.24
C ALA B 398 0.16 -8.64 9.18
N ILE B 399 0.22 -9.61 10.08
CA ILE B 399 -0.86 -9.83 11.05
C ILE B 399 -1.00 -8.63 12.01
N ALA B 400 0.13 -8.09 12.48
CA ALA B 400 0.11 -6.95 13.39
C ALA B 400 -0.55 -5.75 12.72
N ARG B 401 -0.18 -5.51 11.45
CA ARG B 401 -0.75 -4.42 10.69
C ARG B 401 -2.25 -4.63 10.47
N MET B 402 -2.65 -5.88 10.22
CA MET B 402 -4.07 -6.19 10.03
C MET B 402 -4.87 -5.90 11.30
N LYS B 403 -4.35 -6.30 12.45
CA LYS B 403 -5.00 -6.00 13.72
C LYS B 403 -5.23 -4.51 13.89
N ASN B 404 -4.22 -3.71 13.57
CA ASN B 404 -4.30 -2.25 13.66
C ASN B 404 -5.32 -1.70 12.68
N ALA B 405 -5.22 -2.13 11.42
CA ALA B 405 -6.13 -1.65 10.37
C ALA B 405 -7.59 -1.94 10.70
N LEU B 406 -7.86 -3.14 11.21
CA LEU B 406 -9.23 -3.56 11.54
C LEU B 406 -9.82 -2.67 12.63
N GLN B 407 -8.99 -2.25 13.57
CA GLN B 407 -9.43 -1.36 14.65
C GLN B 407 -9.73 0.06 14.13
N GLU B 408 -9.02 0.50 13.11
CA GLU B 408 -9.26 1.80 12.47
C GLU B 408 -10.47 1.83 11.54
N LEU B 409 -10.86 0.68 11.00
CA LEU B 409 -11.95 0.60 10.06
C LEU B 409 -13.27 0.92 10.77
N ILE B 410 -13.97 1.93 10.26
CA ILE B 410 -15.30 2.27 10.75
C ILE B 410 -16.32 2.09 9.63
N ILE B 411 -17.34 1.28 9.90
CA ILE B 411 -18.47 1.11 9.01
C ILE B 411 -19.72 1.05 9.90
N ASP B 412 -20.45 2.15 9.96
CA ASP B 412 -21.63 2.24 10.81
C ASP B 412 -22.90 2.22 9.95
N GLY B 413 -24.00 1.77 10.54
CA GLY B 413 -25.29 1.79 9.87
C GLY B 413 -25.74 0.41 9.41
N ILE B 414 -24.76 -0.48 9.25
CA ILE B 414 -24.99 -1.87 8.93
C ILE B 414 -24.08 -2.71 9.81
N LYS B 415 -24.43 -3.98 9.97
CA LYS B 415 -23.55 -4.92 10.65
C LYS B 415 -22.50 -5.39 9.66
N THR B 416 -21.31 -5.66 10.17
CA THR B 416 -20.27 -6.28 9.38
C THR B 416 -19.59 -7.39 10.15
N ASN B 417 -18.73 -8.14 9.47
CA ASN B 417 -17.96 -9.20 10.11
C ASN B 417 -16.60 -8.75 10.66
N VAL B 418 -16.39 -7.45 10.82
CA VAL B 418 -15.09 -6.94 11.27
C VAL B 418 -14.72 -7.52 12.65
N ASP B 419 -15.71 -7.62 13.54
CA ASP B 419 -15.46 -8.20 14.87
C ASP B 419 -15.06 -9.66 14.79
N LEU B 420 -15.58 -10.40 13.81
CA LEU B 420 -15.12 -11.77 13.58
C LEU B 420 -13.66 -11.80 13.13
N GLN B 421 -13.33 -10.96 12.15
CA GLN B 421 -11.94 -10.83 11.66
C GLN B 421 -10.94 -10.44 12.75
N ILE B 422 -11.37 -9.58 13.67
CA ILE B 422 -10.56 -9.25 14.84
C ILE B 422 -10.30 -10.51 15.68
N ARG B 423 -11.35 -11.31 15.92
CA ARG B 423 -11.22 -12.59 16.64
C ARG B 423 -10.27 -13.56 15.95
N ILE B 424 -10.36 -13.64 14.62
CA ILE B 424 -9.51 -14.54 13.87
C ILE B 424 -8.05 -14.12 13.96
N MET B 425 -7.78 -12.81 13.83
CA MET B 425 -6.40 -12.33 13.90
C MET B 425 -5.79 -12.55 15.30
N ASN B 426 -6.65 -12.60 16.32
CA ASN B 426 -6.23 -12.83 17.71
C ASN B 426 -6.13 -14.31 18.09
N ASP B 427 -6.50 -15.20 17.16
CA ASP B 427 -6.55 -16.63 17.41
C ASP B 427 -5.14 -17.19 17.46
N GLU B 428 -4.82 -17.94 18.52
CA GLU B 428 -3.46 -18.44 18.71
C GLU B 428 -3.04 -19.45 17.63
N ASN B 429 -3.99 -20.27 17.19
CA ASN B 429 -3.71 -21.28 16.17
C ASN B 429 -3.49 -20.63 14.78
N PHE B 430 -4.26 -19.59 14.49
CA PHE B 430 -4.01 -18.79 13.28
C PHE B 430 -2.65 -18.09 13.37
N GLN B 431 -2.33 -17.49 14.52
CA GLN B 431 -1.03 -16.82 14.71
C GLN B 431 0.14 -17.79 14.51
N HIS B 432 -0.04 -19.03 14.95
CA HIS B 432 0.92 -20.10 14.70
C HIS B 432 1.00 -20.40 13.19
N GLY B 433 -0.17 -20.43 12.55
CA GLY B 433 -0.29 -20.71 11.11
C GLY B 433 -0.62 -22.15 10.82
N GLY B 434 -1.15 -22.42 9.63
CA GLY B 434 -1.36 -23.78 9.14
C GLY B 434 -2.63 -24.49 9.60
N THR B 435 -3.65 -23.72 10.00
CA THR B 435 -4.93 -24.33 10.39
C THR B 435 -5.63 -24.94 9.16
N ASN B 436 -6.41 -25.99 9.40
CA ASN B 436 -7.06 -26.72 8.29
C ASN B 436 -8.40 -26.09 7.88
N ILE B 437 -9.02 -26.66 6.86
CA ILE B 437 -10.28 -26.13 6.30
C ILE B 437 -11.48 -26.24 7.23
N HIS B 438 -11.36 -26.97 8.33
CA HIS B 438 -12.47 -27.16 9.27
C HIS B 438 -12.38 -26.24 10.49
N TYR B 439 -11.26 -25.54 10.63
CA TYR B 439 -10.95 -24.85 11.88
C TYR B 439 -11.92 -23.72 12.26
N LEU B 440 -12.22 -22.81 11.33
CA LEU B 440 -13.06 -21.65 11.68
C LEU B 440 -14.40 -22.09 12.25
N GLU B 441 -15.05 -23.03 11.58
CA GLU B 441 -16.36 -23.51 12.03
C GLU B 441 -16.33 -24.24 13.37
N LYS B 442 -15.21 -24.91 13.68
CA LYS B 442 -15.09 -25.55 14.99
C LYS B 442 -14.81 -24.51 16.10
N LYS B 443 -14.05 -23.46 15.76
CA LYS B 443 -13.89 -22.31 16.66
C LYS B 443 -15.23 -21.61 16.94
N LEU B 444 -16.05 -21.46 15.89
CA LEU B 444 -17.37 -20.80 16.01
C LEU B 444 -18.44 -21.69 16.65
N GLY B 445 -18.24 -22.99 16.59
CA GLY B 445 -19.16 -23.94 17.22
C GLY B 445 -18.95 -23.97 18.72
N LEU B 446 -17.85 -24.23 19.20
#